data_3EU9
#
_entry.id   3EU9
#
_cell.length_a   106.660
_cell.length_b   106.660
_cell.length_c   255.530
_cell.angle_alpha   90.00
_cell.angle_beta   90.00
_cell.angle_gamma   120.00
#
_symmetry.space_group_name_H-M   'P 61 2 2'
#
loop_
_entity.id
_entity.type
_entity.pdbx_description
1 polymer 'Huntingtin-interacting protein 14'
2 non-polymer HISTIDINE
3 non-polymer 'SULFATE ION'
4 non-polymer GLYCEROL
5 water water
#
_entity_poly.entity_id   1
_entity_poly.type   'polypeptide(L)'
_entity_poly.pdbx_seq_one_letter_code
;HMTHIDDYSTWDIVKATQYGIYERCRELVEAGYDVRQPDKENVTLLHWAAINNRIDLVKYYISKGAIVDQLGGDLNSTPL
HWATRQGHLSMVVQLMKYGADPSLIDGEGCSCIHLAAQFGHTSIVAYLIAKGQDVDMMDQNGMTPLMWAAYRTHSVDPTR
LLLTFNVSVNLGDKYHKNTALHWAVLAGNTTVISLLLEAGANVDAQNIKGESALDLAKQRKNVWMINHLQEARQAKGYDN
;
_entity_poly.pdbx_strand_id   A,B,C
#
loop_
_chem_comp.id
_chem_comp.type
_chem_comp.name
_chem_comp.formula
GOL non-polymer GLYCEROL 'C3 H8 O3'
SO4 non-polymer 'SULFATE ION' 'O4 S -2'
#
# COMPACT_ATOMS: atom_id res chain seq x y z
N MET A 2 5.97 11.76 3.36
CA MET A 2 7.17 12.53 2.91
C MET A 2 7.09 13.97 3.40
N THR A 3 6.03 14.68 3.02
CA THR A 3 5.84 16.07 3.43
C THR A 3 5.18 16.14 4.81
N HIS A 4 5.73 16.92 5.72
CA HIS A 4 5.16 17.05 7.05
C HIS A 4 4.03 18.06 7.04
N ILE A 5 2.79 17.56 7.10
CA ILE A 5 1.61 18.42 7.07
C ILE A 5 0.86 18.43 8.39
N ASP A 6 1.46 17.86 9.42
CA ASP A 6 0.87 17.79 10.75
C ASP A 6 1.98 17.62 11.77
N ASP A 7 1.65 17.86 13.04
CA ASP A 7 2.61 17.70 14.11
C ASP A 7 2.39 16.28 14.64
N TYR A 8 3.21 15.35 14.19
CA TYR A 8 3.07 13.95 14.59
C TYR A 8 3.76 13.61 15.91
N SER A 9 4.60 14.53 16.39
CA SER A 9 5.32 14.30 17.64
C SER A 9 4.40 13.98 18.81
N THR A 10 3.09 14.12 18.59
CA THR A 10 2.13 13.84 19.66
C THR A 10 1.19 12.68 19.32
N TRP A 11 1.34 12.11 18.13
CA TRP A 11 0.50 11.00 17.69
C TRP A 11 0.96 9.66 18.24
N ASP A 12 0.03 8.85 18.73
CA ASP A 12 0.36 7.54 19.27
C ASP A 12 0.54 6.53 18.12
N ILE A 13 1.29 5.46 18.38
CA ILE A 13 1.57 4.45 17.37
C ILE A 13 0.33 3.99 16.57
N VAL A 14 -0.76 3.68 17.24
CA VAL A 14 -1.96 3.23 16.54
C VAL A 14 -2.47 4.25 15.53
N LYS A 15 -2.60 5.51 15.96
CA LYS A 15 -3.09 6.55 15.05
C LYS A 15 -2.15 6.77 13.87
N ALA A 16 -0.84 6.80 14.14
CA ALA A 16 0.13 7.01 13.07
C ALA A 16 0.10 5.85 12.07
N THR A 17 -0.24 4.66 12.57
CA THR A 17 -0.31 3.47 11.71
C THR A 17 -1.54 3.60 10.80
N GLN A 18 -2.69 3.85 11.41
CA GLN A 18 -3.93 4.00 10.66
C GLN A 18 -3.79 5.05 9.56
N TYR A 19 -3.10 6.16 9.86
CA TYR A 19 -2.90 7.22 8.89
C TYR A 19 -1.69 7.01 7.98
N GLY A 20 -0.96 5.93 8.21
CA GLY A 20 0.20 5.65 7.38
C GLY A 20 1.37 6.60 7.52
N ILE A 21 1.58 7.16 8.71
CA ILE A 21 2.69 8.07 8.90
C ILE A 21 3.93 7.23 9.22
N TYR A 22 4.55 6.70 8.16
CA TYR A 22 5.73 5.85 8.29
C TYR A 22 6.77 6.35 9.29
N GLU A 23 7.32 7.52 9.03
CA GLU A 23 8.37 8.10 9.88
C GLU A 23 8.04 8.13 11.37
N ARG A 24 6.80 8.48 11.71
CA ARG A 24 6.39 8.54 13.12
C ARG A 24 6.28 7.15 13.74
N CYS A 25 5.94 6.15 12.92
CA CYS A 25 5.82 4.78 13.42
C CYS A 25 7.22 4.24 13.65
N ARG A 26 8.09 4.46 12.69
CA ARG A 26 9.46 4.01 12.78
C ARG A 26 10.09 4.60 14.03
N GLU A 27 9.80 5.87 14.29
CA GLU A 27 10.34 6.56 15.45
C GLU A 27 9.89 5.89 16.75
N LEU A 28 8.60 5.69 16.92
CA LEU A 28 8.06 5.06 18.12
C LEU A 28 8.60 3.65 18.32
N VAL A 29 8.77 2.91 17.23
CA VAL A 29 9.30 1.55 17.32
C VAL A 29 10.77 1.66 17.72
N GLU A 30 11.44 2.68 17.18
CA GLU A 30 12.84 2.93 17.50
C GLU A 30 12.95 3.21 18.99
N ALA A 31 11.98 3.95 19.51
CA ALA A 31 11.94 4.32 20.92
C ALA A 31 11.76 3.10 21.82
N GLY A 32 11.32 1.98 21.23
CA GLY A 32 11.13 0.78 22.01
C GLY A 32 9.74 0.19 22.06
N TYR A 33 8.86 0.60 21.15
CA TYR A 33 7.52 0.05 21.14
C TYR A 33 7.57 -1.35 20.52
N ASP A 34 6.89 -2.30 21.14
CA ASP A 34 6.89 -3.69 20.65
C ASP A 34 5.78 -3.82 19.58
N VAL A 35 6.18 -4.05 18.34
CA VAL A 35 5.20 -4.18 17.26
C VAL A 35 4.21 -5.32 17.48
N ARG A 36 4.53 -6.24 18.40
CA ARG A 36 3.66 -7.37 18.68
C ARG A 36 2.63 -7.04 19.75
N GLN A 37 2.73 -5.86 20.34
N GLN A 37 2.74 -5.86 20.33
CA GLN A 37 1.81 -5.46 21.40
CA GLN A 37 1.81 -5.41 21.38
C GLN A 37 0.48 -5.00 20.82
C GLN A 37 0.46 -4.98 20.81
N PRO A 38 -0.60 -5.77 21.07
CA PRO A 38 -1.94 -5.45 20.57
C PRO A 38 -2.63 -4.39 21.45
N ASP A 39 -3.64 -3.73 20.91
CA ASP A 39 -4.35 -2.73 21.68
C ASP A 39 -5.40 -3.39 22.57
N LYS A 40 -6.28 -2.58 23.16
CA LYS A 40 -7.31 -3.09 24.07
C LYS A 40 -8.22 -4.13 23.41
N GLU A 41 -8.52 -3.93 22.13
CA GLU A 41 -9.37 -4.86 21.40
C GLU A 41 -8.60 -6.05 20.88
N ASN A 42 -7.35 -6.17 21.30
CA ASN A 42 -6.50 -7.28 20.89
C ASN A 42 -6.15 -7.19 19.41
N VAL A 43 -6.11 -5.97 18.89
CA VAL A 43 -5.77 -5.74 17.48
C VAL A 43 -4.30 -5.36 17.40
N THR A 44 -3.56 -5.96 16.46
CA THR A 44 -2.14 -5.63 16.31
C THR A 44 -1.93 -4.51 15.30
N LEU A 45 -0.77 -3.87 15.37
CA LEU A 45 -0.44 -2.80 14.44
C LEU A 45 -0.52 -3.31 13.00
N LEU A 46 -0.23 -4.60 12.80
CA LEU A 46 -0.28 -5.19 11.45
C LEU A 46 -1.72 -5.19 10.93
N HIS A 47 -2.68 -5.45 11.82
CA HIS A 47 -4.09 -5.44 11.44
C HIS A 47 -4.47 -4.04 10.99
N TRP A 48 -4.09 -3.04 11.78
CA TRP A 48 -4.40 -1.64 11.47
C TRP A 48 -3.79 -1.22 10.15
N ALA A 49 -2.53 -1.59 9.93
CA ALA A 49 -1.83 -1.24 8.70
C ALA A 49 -2.47 -1.92 7.49
N ALA A 50 -2.86 -3.18 7.66
CA ALA A 50 -3.47 -3.91 6.56
C ALA A 50 -4.84 -3.37 6.17
N ILE A 51 -5.72 -3.17 7.14
CA ILE A 51 -7.05 -2.69 6.82
C ILE A 51 -7.04 -1.25 6.29
N ASN A 52 -5.95 -0.52 6.56
CA ASN A 52 -5.83 0.84 6.08
C ASN A 52 -4.98 0.90 4.82
N ASN A 53 -4.67 -0.26 4.27
CA ASN A 53 -3.90 -0.36 3.04
C ASN A 53 -2.50 0.29 3.11
N ARG A 54 -1.89 0.28 4.30
CA ARG A 54 -0.55 0.86 4.44
C ARG A 54 0.49 -0.20 4.11
N ILE A 55 0.77 -0.37 2.82
CA ILE A 55 1.74 -1.37 2.36
C ILE A 55 3.15 -1.23 2.91
N ASP A 56 3.68 -0.02 2.94
CA ASP A 56 5.04 0.19 3.44
C ASP A 56 5.16 -0.15 4.92
N LEU A 57 4.14 0.18 5.70
CA LEU A 57 4.17 -0.10 7.13
C LEU A 57 4.06 -1.60 7.39
N VAL A 58 3.25 -2.29 6.58
CA VAL A 58 3.11 -3.74 6.74
C VAL A 58 4.47 -4.40 6.61
N LYS A 59 5.24 -4.01 5.60
CA LYS A 59 6.57 -4.57 5.39
C LYS A 59 7.50 -4.20 6.54
N TYR A 60 7.42 -2.96 7.01
CA TYR A 60 8.26 -2.52 8.11
C TYR A 60 7.94 -3.30 9.38
N TYR A 61 6.67 -3.37 9.75
CA TYR A 61 6.29 -4.09 10.96
C TYR A 61 6.72 -5.55 10.91
N ILE A 62 6.55 -6.19 9.75
CA ILE A 62 6.94 -7.59 9.64
C ILE A 62 8.46 -7.72 9.87
N SER A 63 9.24 -6.80 9.30
CA SER A 63 10.69 -6.86 9.49
C SER A 63 11.06 -6.64 10.95
N LYS A 64 10.18 -5.98 11.68
CA LYS A 64 10.43 -5.69 13.09
C LYS A 64 9.92 -6.76 14.06
N GLY A 65 9.35 -7.84 13.53
CA GLY A 65 8.88 -8.91 14.39
C GLY A 65 7.40 -9.22 14.40
N ALA A 66 6.60 -8.45 13.69
CA ALA A 66 5.16 -8.68 13.68
C ALA A 66 4.81 -10.07 13.15
N ILE A 67 3.86 -10.73 13.82
CA ILE A 67 3.42 -12.06 13.42
C ILE A 67 2.43 -11.85 12.28
N VAL A 68 2.78 -12.36 11.11
CA VAL A 68 1.96 -12.20 9.90
C VAL A 68 0.52 -12.64 10.04
N ASP A 69 0.29 -13.88 10.46
CA ASP A 69 -1.07 -14.38 10.59
C ASP A 69 -1.62 -14.34 12.01
N GLN A 70 -1.18 -13.36 12.79
CA GLN A 70 -1.64 -13.21 14.16
C GLN A 70 -3.14 -12.96 14.20
N LEU A 71 -3.86 -13.74 15.01
CA LEU A 71 -5.30 -13.59 15.13
C LEU A 71 -5.58 -12.46 16.12
N GLY A 72 -6.61 -11.66 15.84
CA GLY A 72 -6.93 -10.56 16.72
C GLY A 72 -8.30 -9.95 16.48
N GLY A 73 -8.64 -8.96 17.30
CA GLY A 73 -9.92 -8.29 17.17
C GLY A 73 -11.08 -9.10 17.73
N ASP A 74 -12.25 -8.49 17.74
CA ASP A 74 -13.45 -9.14 18.26
C ASP A 74 -13.74 -10.43 17.51
N LEU A 75 -13.58 -10.41 16.19
CA LEU A 75 -13.85 -11.56 15.34
C LEU A 75 -12.69 -12.56 15.22
N ASN A 76 -11.63 -12.38 15.98
CA ASN A 76 -10.50 -13.30 15.94
C ASN A 76 -10.08 -13.58 14.49
N SER A 77 -9.57 -12.56 13.80
CA SER A 77 -9.16 -12.69 12.41
C SER A 77 -7.71 -12.28 12.21
N THR A 78 -7.15 -12.64 11.05
CA THR A 78 -5.77 -12.28 10.73
C THR A 78 -5.73 -10.96 9.97
N PRO A 79 -4.55 -10.36 9.82
CA PRO A 79 -4.46 -9.10 9.08
C PRO A 79 -4.97 -9.31 7.64
N LEU A 80 -4.68 -10.48 7.06
CA LEU A 80 -5.13 -10.79 5.70
C LEU A 80 -6.67 -10.86 5.62
N HIS A 81 -7.29 -11.40 6.66
CA HIS A 81 -8.76 -11.46 6.70
C HIS A 81 -9.30 -10.03 6.65
N TRP A 82 -8.70 -9.15 7.45
CA TRP A 82 -9.14 -7.75 7.50
C TRP A 82 -8.96 -7.08 6.14
N ALA A 83 -7.80 -7.29 5.53
CA ALA A 83 -7.51 -6.70 4.22
C ALA A 83 -8.51 -7.22 3.18
N THR A 84 -8.86 -8.50 3.28
CA THR A 84 -9.79 -9.10 2.36
C THR A 84 -11.20 -8.51 2.52
N ARG A 85 -11.68 -8.44 3.76
CA ARG A 85 -13.00 -7.87 4.05
C ARG A 85 -13.10 -6.45 3.52
N GLN A 86 -12.07 -5.65 3.79
CA GLN A 86 -12.03 -4.26 3.36
C GLN A 86 -11.91 -4.17 1.85
N GLY A 87 -11.36 -5.21 1.23
CA GLY A 87 -11.22 -5.22 -0.23
C GLY A 87 -9.99 -4.58 -0.81
N HIS A 88 -8.86 -4.63 -0.11
CA HIS A 88 -7.62 -4.05 -0.63
C HIS A 88 -6.81 -5.14 -1.35
N LEU A 89 -7.00 -5.24 -2.66
CA LEU A 89 -6.31 -6.23 -3.46
C LEU A 89 -4.78 -6.16 -3.33
N SER A 90 -4.21 -4.96 -3.40
CA SER A 90 -2.76 -4.85 -3.29
C SER A 90 -2.25 -5.33 -1.93
N MET A 91 -3.03 -5.09 -0.88
CA MET A 91 -2.59 -5.54 0.44
C MET A 91 -2.69 -7.07 0.52
N VAL A 92 -3.73 -7.64 -0.10
CA VAL A 92 -3.88 -9.09 -0.11
C VAL A 92 -2.65 -9.68 -0.82
N VAL A 93 -2.28 -9.09 -1.95
CA VAL A 93 -1.12 -9.57 -2.69
C VAL A 93 0.14 -9.51 -1.83
N GLN A 94 0.33 -8.38 -1.18
CA GLN A 94 1.52 -8.19 -0.34
C GLN A 94 1.61 -9.14 0.83
N LEU A 95 0.52 -9.29 1.56
CA LEU A 95 0.52 -10.18 2.72
C LEU A 95 0.76 -11.63 2.29
N MET A 96 0.16 -12.04 1.17
CA MET A 96 0.36 -13.41 0.71
C MET A 96 1.82 -13.62 0.31
N LYS A 97 2.47 -12.56 -0.18
CA LYS A 97 3.87 -12.67 -0.55
C LYS A 97 4.68 -12.99 0.70
N TYR A 98 4.25 -12.44 1.83
CA TYR A 98 4.95 -12.70 3.09
C TYR A 98 4.55 -14.01 3.74
N GLY A 99 3.72 -14.79 3.06
CA GLY A 99 3.32 -16.07 3.61
C GLY A 99 1.98 -16.11 4.32
N ALA A 100 1.23 -15.01 4.32
CA ALA A 100 -0.08 -15.03 4.96
C ALA A 100 -0.88 -16.12 4.24
N ASP A 101 -1.57 -16.96 5.01
CA ASP A 101 -2.34 -18.08 4.50
C ASP A 101 -3.82 -17.73 4.34
N PRO A 102 -4.32 -17.62 3.09
CA PRO A 102 -5.73 -17.28 2.87
C PRO A 102 -6.73 -18.38 3.27
N SER A 103 -6.25 -19.57 3.55
CA SER A 103 -7.14 -20.65 3.94
C SER A 103 -7.52 -20.62 5.42
N LEU A 104 -6.81 -19.83 6.22
CA LEU A 104 -7.11 -19.74 7.64
C LEU A 104 -8.54 -19.28 7.90
N ILE A 105 -9.11 -19.73 9.03
CA ILE A 105 -10.49 -19.42 9.41
C ILE A 105 -10.59 -18.28 10.41
N ASP A 106 -11.57 -17.38 10.22
CA ASP A 106 -11.75 -16.29 11.17
C ASP A 106 -12.72 -16.76 12.26
N GLY A 107 -13.09 -15.85 13.16
CA GLY A 107 -13.99 -16.20 14.25
C GLY A 107 -15.42 -16.50 13.86
N GLU A 108 -15.73 -16.37 12.57
CA GLU A 108 -17.09 -16.65 12.10
C GLU A 108 -17.07 -17.83 11.12
N GLY A 109 -15.99 -18.60 11.14
CA GLY A 109 -15.84 -19.77 10.30
C GLY A 109 -15.45 -19.54 8.84
N CYS A 110 -15.16 -18.30 8.47
CA CYS A 110 -14.83 -18.00 7.08
C CYS A 110 -13.35 -17.87 6.73
N SER A 111 -13.00 -18.28 5.50
CA SER A 111 -11.64 -18.13 5.01
C SER A 111 -11.69 -16.92 4.08
N CYS A 112 -10.53 -16.51 3.56
CA CYS A 112 -10.49 -15.35 2.69
C CYS A 112 -11.38 -15.41 1.47
N ILE A 113 -11.43 -16.56 0.79
CA ILE A 113 -12.28 -16.62 -0.40
C ILE A 113 -13.75 -16.39 -0.06
N HIS A 114 -14.17 -16.80 1.13
CA HIS A 114 -15.56 -16.62 1.54
C HIS A 114 -15.83 -15.16 1.89
N LEU A 115 -14.86 -14.51 2.52
CA LEU A 115 -15.00 -13.11 2.87
C LEU A 115 -15.07 -12.28 1.60
N ALA A 116 -14.19 -12.59 0.65
CA ALA A 116 -14.17 -11.87 -0.62
C ALA A 116 -15.50 -12.03 -1.34
N ALA A 117 -16.04 -13.23 -1.32
CA ALA A 117 -17.33 -13.50 -1.96
C ALA A 117 -18.50 -12.78 -1.28
N GLN A 118 -18.61 -12.88 0.04
CA GLN A 118 -19.73 -12.25 0.72
C GLN A 118 -19.71 -10.73 0.67
N PHE A 119 -18.53 -10.14 0.54
CA PHE A 119 -18.44 -8.68 0.47
C PHE A 119 -18.28 -8.19 -0.96
N GLY A 120 -18.51 -9.10 -1.91
CA GLY A 120 -18.47 -8.78 -3.32
C GLY A 120 -17.19 -8.28 -3.96
N HIS A 121 -16.04 -8.62 -3.37
CA HIS A 121 -14.75 -8.18 -3.91
C HIS A 121 -14.30 -9.14 -5.02
N THR A 122 -14.93 -9.00 -6.18
CA THR A 122 -14.64 -9.86 -7.33
C THR A 122 -13.18 -10.03 -7.73
N SER A 123 -12.41 -8.94 -7.76
CA SER A 123 -11.00 -9.06 -8.15
C SER A 123 -10.20 -9.92 -7.20
N ILE A 124 -10.56 -9.89 -5.92
CA ILE A 124 -9.83 -10.68 -4.94
C ILE A 124 -10.24 -12.16 -5.07
N VAL A 125 -11.51 -12.40 -5.38
CA VAL A 125 -11.96 -13.78 -5.57
C VAL A 125 -11.12 -14.39 -6.69
N ALA A 126 -11.03 -13.69 -7.82
CA ALA A 126 -10.24 -14.18 -8.95
C ALA A 126 -8.78 -14.40 -8.61
N TYR A 127 -8.17 -13.43 -7.91
CA TYR A 127 -6.77 -13.57 -7.54
C TYR A 127 -6.53 -14.80 -6.67
N LEU A 128 -7.40 -15.00 -5.68
CA LEU A 128 -7.25 -16.13 -4.76
C LEU A 128 -7.37 -17.46 -5.52
N ILE A 129 -8.33 -17.54 -6.43
CA ILE A 129 -8.49 -18.77 -7.19
C ILE A 129 -7.26 -18.98 -8.06
N ALA A 130 -6.77 -17.90 -8.68
CA ALA A 130 -5.58 -18.00 -9.52
C ALA A 130 -4.42 -18.49 -8.68
N LYS A 131 -4.40 -18.13 -7.40
CA LYS A 131 -3.33 -18.55 -6.52
C LYS A 131 -3.53 -19.93 -5.90
N GLY A 132 -4.55 -20.66 -6.33
CA GLY A 132 -4.75 -22.00 -5.80
C GLY A 132 -5.89 -22.29 -4.84
N GLN A 133 -6.64 -21.27 -4.43
CA GLN A 133 -7.76 -21.53 -3.52
C GLN A 133 -8.87 -22.30 -4.27
N ASP A 134 -9.48 -23.25 -3.59
CA ASP A 134 -10.53 -24.08 -4.16
C ASP A 134 -11.79 -23.23 -4.35
N VAL A 135 -12.29 -23.16 -5.59
CA VAL A 135 -13.46 -22.37 -5.85
C VAL A 135 -14.70 -22.93 -5.11
N ASP A 136 -14.66 -24.22 -4.79
CA ASP A 136 -15.77 -24.87 -4.07
C ASP A 136 -15.49 -25.03 -2.57
N MET A 137 -14.44 -24.39 -2.08
CA MET A 137 -14.08 -24.50 -0.67
C MET A 137 -15.27 -24.21 0.25
N MET A 138 -15.63 -25.18 1.07
CA MET A 138 -16.75 -25.01 1.99
C MET A 138 -16.19 -24.49 3.33
N ASP A 139 -16.68 -23.36 3.83
CA ASP A 139 -16.16 -22.87 5.10
C ASP A 139 -16.74 -23.68 6.26
N GLN A 140 -16.45 -23.29 7.50
CA GLN A 140 -16.95 -24.04 8.65
C GLN A 140 -18.44 -23.85 8.93
N ASN A 141 -19.08 -22.98 8.15
CA ASN A 141 -20.51 -22.76 8.28
C ASN A 141 -21.17 -23.63 7.21
N GLY A 142 -20.35 -24.39 6.50
CA GLY A 142 -20.86 -25.26 5.45
C GLY A 142 -21.21 -24.50 4.18
N MET A 143 -20.70 -23.28 4.06
CA MET A 143 -20.97 -22.43 2.90
C MET A 143 -19.83 -22.30 1.89
N THR A 144 -20.16 -22.43 0.61
CA THR A 144 -19.17 -22.26 -0.44
C THR A 144 -19.21 -20.78 -0.84
N PRO A 145 -18.24 -20.33 -1.66
CA PRO A 145 -18.22 -18.94 -2.09
C PRO A 145 -19.49 -18.60 -2.88
N LEU A 146 -19.94 -19.53 -3.71
CA LEU A 146 -21.16 -19.32 -4.52
C LEU A 146 -22.36 -19.08 -3.61
N MET A 147 -22.47 -19.88 -2.55
CA MET A 147 -23.56 -19.75 -1.60
C MET A 147 -23.53 -18.40 -0.91
N TRP A 148 -22.33 -17.96 -0.52
CA TRP A 148 -22.18 -16.67 0.13
C TRP A 148 -22.57 -15.54 -0.80
N ALA A 149 -22.19 -15.65 -2.07
CA ALA A 149 -22.51 -14.63 -3.05
C ALA A 149 -24.04 -14.60 -3.26
N ALA A 150 -24.63 -15.79 -3.34
CA ALA A 150 -26.06 -15.91 -3.54
C ALA A 150 -26.86 -15.30 -2.38
N TYR A 151 -26.35 -15.47 -1.17
CA TYR A 151 -27.04 -14.98 0.01
C TYR A 151 -26.73 -13.53 0.38
N ARG A 152 -25.60 -13.00 -0.08
CA ARG A 152 -25.25 -11.64 0.29
C ARG A 152 -24.95 -10.60 -0.79
N THR A 153 -24.74 -11.02 -2.03
CA THR A 153 -24.43 -10.05 -3.07
C THR A 153 -25.54 -9.95 -4.12
N HIS A 154 -26.36 -8.92 -3.98
CA HIS A 154 -27.47 -8.67 -4.89
C HIS A 154 -26.92 -7.92 -6.09
N SER A 155 -26.09 -8.62 -6.86
CA SER A 155 -25.45 -8.05 -8.03
C SER A 155 -25.00 -9.19 -8.94
N VAL A 156 -24.61 -8.84 -10.17
CA VAL A 156 -24.16 -9.84 -11.13
C VAL A 156 -22.88 -10.52 -10.68
N ASP A 157 -21.90 -9.74 -10.23
CA ASP A 157 -20.66 -10.32 -9.72
C ASP A 157 -20.71 -10.24 -8.22
N PRO A 158 -19.94 -11.09 -7.52
CA PRO A 158 -19.04 -12.12 -8.06
C PRO A 158 -19.67 -13.43 -8.54
N THR A 159 -21.00 -13.56 -8.46
CA THR A 159 -21.62 -14.81 -8.90
C THR A 159 -21.24 -15.19 -10.31
N ARG A 160 -21.33 -14.25 -11.25
CA ARG A 160 -20.97 -14.57 -12.63
C ARG A 160 -19.53 -15.03 -12.78
N LEU A 161 -18.61 -14.44 -12.03
CA LEU A 161 -17.20 -14.83 -12.10
C LEU A 161 -17.05 -16.26 -11.54
N LEU A 162 -17.68 -16.51 -10.40
CA LEU A 162 -17.62 -17.82 -9.77
C LEU A 162 -18.14 -18.87 -10.74
N LEU A 163 -19.29 -18.58 -11.34
CA LEU A 163 -19.89 -19.51 -12.28
C LEU A 163 -18.97 -19.72 -13.46
N THR A 164 -18.15 -18.73 -13.76
CA THR A 164 -17.22 -18.85 -14.87
C THR A 164 -16.12 -19.86 -14.56
N PHE A 165 -15.75 -19.99 -13.28
CA PHE A 165 -14.75 -20.99 -12.92
C PHE A 165 -15.54 -22.30 -12.87
N ASN A 166 -14.91 -23.41 -12.49
CA ASN A 166 -15.63 -24.68 -12.47
C ASN A 166 -16.38 -24.97 -11.15
N VAL A 167 -17.28 -24.06 -10.76
CA VAL A 167 -18.05 -24.23 -9.52
C VAL A 167 -19.17 -25.25 -9.62
N SER A 168 -19.43 -25.95 -8.52
CA SER A 168 -20.51 -26.93 -8.48
C SER A 168 -21.75 -26.19 -8.00
N VAL A 169 -22.64 -25.91 -8.94
CA VAL A 169 -23.86 -25.16 -8.66
C VAL A 169 -24.87 -25.83 -7.71
N ASN A 170 -24.92 -27.16 -7.72
CA ASN A 170 -25.91 -27.86 -6.88
C ASN A 170 -25.47 -28.44 -5.54
N LEU A 171 -24.34 -28.00 -5.01
CA LEU A 171 -23.90 -28.48 -3.71
C LEU A 171 -24.81 -27.85 -2.67
N GLY A 172 -25.05 -28.56 -1.57
CA GLY A 172 -25.89 -28.01 -0.53
C GLY A 172 -24.97 -27.77 0.67
N ASP A 173 -25.29 -26.81 1.52
CA ASP A 173 -24.43 -26.55 2.67
C ASP A 173 -24.45 -27.77 3.59
N LYS A 174 -23.32 -28.01 4.24
CA LYS A 174 -23.15 -29.16 5.11
C LYS A 174 -24.24 -29.37 6.16
N TYR A 175 -24.81 -28.29 6.69
CA TYR A 175 -25.83 -28.39 7.72
C TYR A 175 -27.28 -28.41 7.24
N HIS A 176 -27.70 -27.38 6.51
CA HIS A 176 -29.07 -27.28 6.01
C HIS A 176 -29.29 -27.96 4.66
N LYS A 177 -28.23 -28.17 3.91
CA LYS A 177 -28.31 -28.75 2.57
C LYS A 177 -29.02 -27.76 1.64
N ASN A 178 -28.91 -26.47 1.94
CA ASN A 178 -29.48 -25.44 1.09
C ASN A 178 -28.47 -25.18 -0.02
N THR A 179 -28.92 -25.18 -1.26
CA THR A 179 -28.02 -24.91 -2.38
C THR A 179 -27.93 -23.40 -2.54
N ALA A 180 -27.08 -22.96 -3.46
CA ALA A 180 -26.92 -21.54 -3.72
C ALA A 180 -28.29 -20.96 -4.09
N LEU A 181 -29.09 -21.76 -4.78
CA LEU A 181 -30.43 -21.35 -5.21
C LEU A 181 -31.33 -21.08 -3.99
N HIS A 182 -31.28 -21.97 -3.00
CA HIS A 182 -32.09 -21.81 -1.79
C HIS A 182 -31.72 -20.50 -1.10
N TRP A 183 -30.42 -20.26 -0.94
CA TRP A 183 -29.94 -19.06 -0.28
C TRP A 183 -30.38 -17.81 -1.03
N ALA A 184 -30.34 -17.87 -2.35
CA ALA A 184 -30.75 -16.72 -3.16
C ALA A 184 -32.22 -16.40 -2.86
N VAL A 185 -33.05 -17.44 -2.83
CA VAL A 185 -34.48 -17.26 -2.53
C VAL A 185 -34.60 -16.64 -1.14
N LEU A 186 -34.04 -17.32 -0.14
CA LEU A 186 -34.09 -16.84 1.24
C LEU A 186 -33.64 -15.40 1.38
N ALA A 187 -32.77 -14.96 0.48
CA ALA A 187 -32.27 -13.59 0.53
C ALA A 187 -33.09 -12.65 -0.35
N GLY A 188 -33.94 -13.22 -1.18
CA GLY A 188 -34.75 -12.41 -2.07
C GLY A 188 -33.81 -11.76 -3.08
N ASN A 189 -32.76 -12.49 -3.43
CA ASN A 189 -31.76 -12.03 -4.36
C ASN A 189 -32.15 -12.45 -5.78
N THR A 190 -33.09 -11.72 -6.37
CA THR A 190 -33.57 -12.03 -7.71
C THR A 190 -32.46 -12.01 -8.77
N THR A 191 -31.51 -11.10 -8.61
CA THR A 191 -30.41 -10.99 -9.56
C THR A 191 -29.65 -12.30 -9.71
N VAL A 192 -29.25 -12.87 -8.58
CA VAL A 192 -28.51 -14.13 -8.58
C VAL A 192 -29.38 -15.32 -9.00
N ILE A 193 -30.63 -15.36 -8.52
CA ILE A 193 -31.53 -16.45 -8.89
C ILE A 193 -31.49 -16.62 -10.39
N SER A 194 -31.56 -15.49 -11.10
CA SER A 194 -31.53 -15.49 -12.56
C SER A 194 -30.26 -16.14 -13.10
N LEU A 195 -29.12 -15.79 -12.49
CA LEU A 195 -27.82 -16.34 -12.90
C LEU A 195 -27.69 -17.83 -12.62
N LEU A 196 -28.17 -18.25 -11.45
CA LEU A 196 -28.11 -19.65 -11.06
C LEU A 196 -28.94 -20.54 -12.00
N LEU A 197 -30.19 -20.15 -12.23
CA LEU A 197 -31.07 -20.92 -13.11
C LEU A 197 -30.41 -21.11 -14.46
N GLU A 198 -29.91 -20.03 -15.02
CA GLU A 198 -29.23 -20.10 -16.32
C GLU A 198 -28.05 -21.06 -16.26
N ALA A 199 -27.45 -21.19 -15.08
CA ALA A 199 -26.29 -22.06 -14.89
C ALA A 199 -26.64 -23.53 -14.66
N GLY A 200 -27.92 -23.83 -14.53
CA GLY A 200 -28.33 -25.21 -14.32
C GLY A 200 -28.69 -25.62 -12.90
N ALA A 201 -28.91 -24.65 -12.02
CA ALA A 201 -29.27 -24.98 -10.64
C ALA A 201 -30.54 -25.83 -10.62
N ASN A 202 -30.49 -26.96 -9.90
CA ASN A 202 -31.62 -27.86 -9.79
C ASN A 202 -32.74 -27.22 -8.98
N VAL A 203 -33.83 -26.85 -9.66
CA VAL A 203 -34.95 -26.21 -8.99
C VAL A 203 -35.68 -27.12 -8.00
N ASP A 204 -35.54 -28.43 -8.18
CA ASP A 204 -36.22 -29.38 -7.29
C ASP A 204 -35.34 -29.93 -6.17
N ALA A 205 -34.09 -29.48 -6.10
CA ALA A 205 -33.18 -29.93 -5.06
C ALA A 205 -33.76 -29.59 -3.70
N GLN A 206 -33.89 -30.60 -2.84
CA GLN A 206 -34.45 -30.37 -1.51
C GLN A 206 -33.38 -30.29 -0.42
N ASN A 207 -33.61 -29.44 0.57
CA ASN A 207 -32.67 -29.34 1.69
C ASN A 207 -33.06 -30.43 2.68
N ILE A 208 -32.48 -30.43 3.88
CA ILE A 208 -32.81 -31.48 4.85
C ILE A 208 -34.25 -31.45 5.31
N LYS A 209 -34.95 -30.34 5.03
CA LYS A 209 -36.35 -30.22 5.41
C LYS A 209 -37.26 -30.65 4.27
N GLY A 210 -36.66 -31.19 3.21
CA GLY A 210 -37.45 -31.64 2.07
C GLY A 210 -37.92 -30.47 1.22
N GLU A 211 -37.55 -29.25 1.63
CA GLU A 211 -37.93 -28.05 0.90
C GLU A 211 -37.03 -27.85 -0.31
N SER A 212 -37.64 -27.50 -1.45
CA SER A 212 -36.88 -27.23 -2.66
C SER A 212 -36.81 -25.71 -2.74
N ALA A 213 -36.05 -25.19 -3.70
CA ALA A 213 -35.93 -23.75 -3.84
C ALA A 213 -37.32 -23.17 -4.09
N LEU A 214 -38.10 -23.90 -4.88
CA LEU A 214 -39.47 -23.49 -5.22
C LEU A 214 -40.34 -23.44 -3.96
N ASP A 215 -40.25 -24.47 -3.12
CA ASP A 215 -41.04 -24.51 -1.89
C ASP A 215 -40.81 -23.27 -1.04
N LEU A 216 -39.58 -22.78 -1.03
CA LEU A 216 -39.24 -21.59 -0.26
C LEU A 216 -39.81 -20.33 -0.90
N ALA A 217 -39.90 -20.33 -2.23
CA ALA A 217 -40.44 -19.20 -2.97
C ALA A 217 -41.93 -19.06 -2.68
N LYS A 218 -42.63 -20.19 -2.65
CA LYS A 218 -44.06 -20.21 -2.37
C LYS A 218 -44.31 -19.77 -0.94
N GLN A 219 -43.58 -20.35 0.00
CA GLN A 219 -43.73 -20.01 1.40
C GLN A 219 -43.57 -18.51 1.61
N ARG A 220 -42.72 -17.88 0.80
CA ARG A 220 -42.48 -16.45 0.89
C ARG A 220 -43.54 -15.69 0.10
N LYS A 221 -44.31 -16.42 -0.70
CA LYS A 221 -45.36 -15.82 -1.52
C LYS A 221 -44.79 -14.76 -2.47
N ASN A 222 -43.56 -14.96 -2.92
CA ASN A 222 -42.93 -14.02 -3.84
C ASN A 222 -43.25 -14.41 -5.27
N VAL A 223 -44.26 -13.77 -5.84
CA VAL A 223 -44.71 -14.04 -7.21
C VAL A 223 -43.55 -14.06 -8.22
N TRP A 224 -42.70 -13.04 -8.17
CA TRP A 224 -41.56 -12.97 -9.07
C TRP A 224 -40.78 -14.29 -9.01
N MET A 225 -40.26 -14.61 -7.84
CA MET A 225 -39.49 -15.84 -7.64
C MET A 225 -40.27 -17.09 -8.01
N ILE A 226 -41.50 -17.19 -7.53
CA ILE A 226 -42.34 -18.36 -7.79
C ILE A 226 -42.45 -18.69 -9.28
N ASN A 227 -42.77 -17.69 -10.10
CA ASN A 227 -42.91 -17.91 -11.54
C ASN A 227 -41.57 -18.17 -12.23
N HIS A 228 -40.55 -17.39 -11.87
CA HIS A 228 -39.23 -17.56 -12.47
C HIS A 228 -38.71 -18.99 -12.31
N LEU A 229 -38.70 -19.48 -11.08
CA LEU A 229 -38.24 -20.83 -10.81
C LEU A 229 -39.16 -21.84 -11.51
N GLN A 230 -40.46 -21.56 -11.47
CA GLN A 230 -41.45 -22.44 -12.09
C GLN A 230 -41.16 -22.58 -13.59
N GLU A 231 -40.90 -21.45 -14.24
CA GLU A 231 -40.60 -21.45 -15.67
C GLU A 231 -39.24 -22.10 -15.92
N ALA A 232 -38.34 -21.93 -14.96
CA ALA A 232 -37.00 -22.48 -15.06
C ALA A 232 -37.04 -24.01 -15.16
N ARG A 233 -37.71 -24.63 -14.20
CA ARG A 233 -37.84 -26.09 -14.17
C ARG A 233 -38.47 -26.62 -15.45
N ILE B 5 -0.04 19.79 -7.82
CA ILE B 5 -0.88 18.61 -8.21
C ILE B 5 -2.28 19.03 -8.64
N ASP B 6 -3.16 19.21 -7.67
CA ASP B 6 -4.54 19.60 -7.95
C ASP B 6 -4.71 21.12 -7.86
N ASP B 7 -3.71 21.83 -8.38
CA ASP B 7 -3.68 23.28 -8.40
C ASP B 7 -3.25 23.88 -7.06
N TYR B 8 -1.95 23.81 -6.81
CA TYR B 8 -1.38 24.32 -5.57
C TYR B 8 -1.42 25.85 -5.50
N SER B 9 -1.78 26.49 -6.61
CA SER B 9 -1.85 27.93 -6.66
C SER B 9 -3.02 28.49 -5.85
N THR B 10 -3.84 27.59 -5.31
CA THR B 10 -4.98 28.01 -4.50
C THR B 10 -4.86 27.52 -3.05
N TRP B 11 -3.75 26.86 -2.73
CA TRP B 11 -3.55 26.35 -1.38
C TRP B 11 -3.34 27.46 -0.37
N ASP B 12 -3.78 27.24 0.86
CA ASP B 12 -3.61 28.22 1.93
C ASP B 12 -2.14 28.33 2.26
N ILE B 13 -1.77 29.37 2.99
CA ILE B 13 -0.36 29.62 3.34
C ILE B 13 0.33 28.47 4.07
N VAL B 14 -0.35 27.84 5.03
CA VAL B 14 0.26 26.74 5.76
C VAL B 14 0.66 25.58 4.85
N LYS B 15 -0.28 25.16 4.00
CA LYS B 15 -0.02 24.05 3.09
C LYS B 15 1.04 24.43 2.05
N ALA B 16 0.94 25.65 1.52
CA ALA B 16 1.90 26.11 0.53
C ALA B 16 3.31 26.12 1.12
N THR B 17 3.39 26.43 2.41
CA THR B 17 4.68 26.45 3.11
C THR B 17 5.21 25.02 3.26
N GLN B 18 4.36 24.12 3.74
CA GLN B 18 4.76 22.73 3.94
C GLN B 18 5.29 22.10 2.66
N TYR B 19 4.62 22.35 1.54
CA TYR B 19 5.04 21.80 0.25
C TYR B 19 6.08 22.62 -0.49
N GLY B 20 6.52 23.72 0.12
CA GLY B 20 7.53 24.56 -0.50
C GLY B 20 7.12 25.32 -1.75
N ILE B 21 5.86 25.76 -1.80
CA ILE B 21 5.42 26.51 -2.97
C ILE B 21 5.75 27.98 -2.69
N TYR B 22 7.02 28.33 -2.89
CA TYR B 22 7.54 29.66 -2.64
C TYR B 22 6.67 30.83 -3.10
N GLU B 23 6.46 30.94 -4.40
CA GLU B 23 5.67 32.04 -4.96
C GLU B 23 4.28 32.18 -4.36
N ARG B 24 3.65 31.06 -4.00
CA ARG B 24 2.32 31.10 -3.41
C ARG B 24 2.43 31.67 -1.99
N CYS B 25 3.53 31.36 -1.31
CA CYS B 25 3.75 31.84 0.05
C CYS B 25 4.06 33.34 0.05
N ARG B 26 4.89 33.77 -0.89
CA ARG B 26 5.26 35.18 -1.00
C ARG B 26 4.00 35.98 -1.33
N GLU B 27 3.25 35.48 -2.30
CA GLU B 27 2.01 36.12 -2.74
C GLU B 27 1.05 36.38 -1.58
N LEU B 28 0.82 35.37 -0.74
CA LEU B 28 -0.09 35.49 0.39
C LEU B 28 0.41 36.38 1.53
N VAL B 29 1.71 36.38 1.79
CA VAL B 29 2.25 37.21 2.86
C VAL B 29 2.19 38.68 2.42
N GLU B 30 2.50 38.93 1.15
CA GLU B 30 2.46 40.30 0.62
C GLU B 30 1.04 40.82 0.64
N ALA B 31 0.09 39.92 0.42
CA ALA B 31 -1.32 40.28 0.41
C ALA B 31 -1.86 40.50 1.82
N GLY B 32 -1.01 40.35 2.83
CA GLY B 32 -1.48 40.59 4.17
C GLY B 32 -1.34 39.53 5.24
N TYR B 33 -0.92 38.31 4.89
CA TYR B 33 -0.78 37.28 5.91
C TYR B 33 0.44 37.54 6.80
N ASP B 34 0.22 37.65 8.10
CA ASP B 34 1.33 37.89 9.03
C ASP B 34 2.07 36.58 9.28
N VAL B 35 3.37 36.60 9.04
CA VAL B 35 4.21 35.41 9.21
C VAL B 35 4.42 35.00 10.66
N ARG B 36 3.94 35.80 11.61
CA ARG B 36 4.09 35.47 13.02
C ARG B 36 2.85 34.76 13.54
N GLN B 37 1.77 34.86 12.77
CA GLN B 37 0.49 34.26 13.14
C GLN B 37 0.54 32.72 13.19
N PRO B 38 0.30 32.13 14.37
CA PRO B 38 0.32 30.68 14.54
C PRO B 38 -0.96 30.03 14.00
N ASP B 39 -0.93 28.73 13.80
CA ASP B 39 -2.11 28.02 13.31
C ASP B 39 -2.91 27.46 14.48
N LYS B 40 -3.92 26.65 14.18
CA LYS B 40 -4.76 26.06 15.21
C LYS B 40 -3.91 25.29 16.22
N GLU B 41 -2.91 24.57 15.72
CA GLU B 41 -2.03 23.78 16.57
C GLU B 41 -0.97 24.64 17.28
N ASN B 42 -0.98 25.94 17.00
CA ASN B 42 -0.04 26.88 17.60
C ASN B 42 1.37 26.71 17.00
N VAL B 43 1.41 26.40 15.71
CA VAL B 43 2.67 26.23 15.00
C VAL B 43 2.80 27.41 14.04
N THR B 44 4.01 27.95 13.93
CA THR B 44 4.24 29.08 13.03
C THR B 44 4.74 28.58 11.68
N LEU B 45 4.64 29.44 10.67
CA LEU B 45 5.09 29.10 9.34
C LEU B 45 6.56 28.72 9.35
N LEU B 46 7.34 29.36 10.22
CA LEU B 46 8.77 29.06 10.31
C LEU B 46 9.00 27.61 10.75
N HIS B 47 8.10 27.09 11.60
CA HIS B 47 8.24 25.71 12.06
C HIS B 47 8.04 24.77 10.88
N TRP B 48 6.98 25.02 10.10
CA TRP B 48 6.66 24.20 8.95
C TRP B 48 7.73 24.27 7.87
N ALA B 49 8.32 25.44 7.70
CA ALA B 49 9.36 25.63 6.70
C ALA B 49 10.63 24.89 7.11
N ALA B 50 10.98 24.99 8.39
CA ALA B 50 12.17 24.35 8.91
C ALA B 50 12.14 22.82 8.85
N ILE B 51 11.03 22.23 9.28
CA ILE B 51 10.91 20.78 9.27
C ILE B 51 10.81 20.20 7.86
N ASN B 52 10.33 20.99 6.91
CA ASN B 52 10.22 20.55 5.52
C ASN B 52 11.41 21.00 4.68
N ASN B 53 12.48 21.40 5.35
CA ASN B 53 13.72 21.84 4.71
C ASN B 53 13.53 22.94 3.67
N ARG B 54 12.64 23.89 3.94
CA ARG B 54 12.41 24.98 2.99
C ARG B 54 13.33 26.15 3.32
N ILE B 55 14.59 26.02 2.92
CA ILE B 55 15.60 27.03 3.17
C ILE B 55 15.18 28.43 2.68
N ASP B 56 14.68 28.48 1.46
CA ASP B 56 14.26 29.74 0.87
C ASP B 56 13.15 30.43 1.66
N LEU B 57 12.15 29.67 2.09
CA LEU B 57 11.06 30.24 2.87
C LEU B 57 11.54 30.71 4.24
N VAL B 58 12.54 30.02 4.78
CA VAL B 58 13.08 30.38 6.08
C VAL B 58 13.72 31.76 6.05
N LYS B 59 14.49 32.04 4.99
CA LYS B 59 15.14 33.35 4.85
C LYS B 59 14.07 34.42 4.67
N TYR B 60 13.14 34.15 3.76
CA TYR B 60 12.06 35.07 3.48
C TYR B 60 11.19 35.38 4.68
N TYR B 61 10.74 34.35 5.40
CA TYR B 61 9.90 34.56 6.56
C TYR B 61 10.61 35.35 7.66
N ILE B 62 11.89 35.06 7.87
CA ILE B 62 12.63 35.77 8.89
C ILE B 62 12.80 37.24 8.49
N SER B 63 12.95 37.48 7.19
CA SER B 63 13.12 38.83 6.69
C SER B 63 11.82 39.61 6.84
N LYS B 64 10.73 38.89 7.10
CA LYS B 64 9.42 39.50 7.28
C LYS B 64 9.06 39.73 8.74
N GLY B 65 9.96 39.36 9.65
CA GLY B 65 9.69 39.57 11.06
C GLY B 65 9.40 38.31 11.86
N ALA B 66 9.45 37.15 11.21
CA ALA B 66 9.18 35.91 11.91
C ALA B 66 10.14 35.74 13.08
N ILE B 67 9.61 35.35 14.24
CA ILE B 67 10.45 35.14 15.40
C ILE B 67 11.19 33.80 15.24
N VAL B 68 12.51 33.88 15.14
CA VAL B 68 13.36 32.70 14.95
C VAL B 68 13.19 31.59 15.98
N ASP B 69 13.34 31.90 17.27
CA ASP B 69 13.21 30.88 18.30
C ASP B 69 11.83 30.79 18.94
N GLN B 70 10.81 31.24 18.22
CA GLN B 70 9.44 31.19 18.72
C GLN B 70 9.05 29.76 19.10
N LEU B 71 8.61 29.57 20.35
CA LEU B 71 8.20 28.24 20.81
C LEU B 71 6.81 27.90 20.28
N GLY B 72 6.64 26.66 19.83
CA GLY B 72 5.35 26.24 19.30
C GLY B 72 5.15 24.74 19.35
N GLY B 73 3.94 24.30 18.99
CA GLY B 73 3.63 22.89 19.00
C GLY B 73 3.40 22.35 20.39
N ASP B 74 2.77 21.19 20.48
CA ASP B 74 2.47 20.58 21.77
C ASP B 74 3.72 20.47 22.64
N LEU B 75 4.86 20.17 22.01
CA LEU B 75 6.11 20.03 22.74
C LEU B 75 6.84 21.35 22.99
N ASN B 76 6.19 22.47 22.68
CA ASN B 76 6.81 23.78 22.91
C ASN B 76 8.24 23.76 22.40
N SER B 77 8.41 23.74 21.09
CA SER B 77 9.74 23.71 20.49
C SER B 77 9.93 24.84 19.50
N THR B 78 11.19 25.15 19.19
CA THR B 78 11.50 26.20 18.24
C THR B 78 11.68 25.58 16.86
N PRO B 79 11.71 26.42 15.81
CA PRO B 79 11.89 25.86 14.46
C PRO B 79 13.19 25.07 14.35
N LEU B 80 14.21 25.47 15.08
CA LEU B 80 15.50 24.78 15.06
C LEU B 80 15.37 23.40 15.68
N HIS B 81 14.59 23.30 16.75
CA HIS B 81 14.36 22.02 17.42
C HIS B 81 13.75 21.06 16.40
N TRP B 82 12.83 21.58 15.59
CA TRP B 82 12.16 20.80 14.57
C TRP B 82 13.11 20.35 13.48
N ALA B 83 13.95 21.27 13.01
CA ALA B 83 14.93 20.95 11.97
C ALA B 83 15.88 19.88 12.49
N THR B 84 16.32 20.04 13.74
CA THR B 84 17.23 19.09 14.36
C THR B 84 16.63 17.69 14.43
N ARG B 85 15.37 17.60 14.83
CA ARG B 85 14.67 16.32 14.92
C ARG B 85 14.62 15.58 13.58
N GLN B 86 14.30 16.30 12.51
CA GLN B 86 14.22 15.70 11.18
C GLN B 86 15.57 15.41 10.56
N GLY B 87 16.62 15.93 11.17
CA GLY B 87 17.96 15.69 10.64
C GLY B 87 18.36 16.55 9.46
N HIS B 88 17.79 17.75 9.36
CA HIS B 88 18.13 18.66 8.27
C HIS B 88 19.30 19.57 8.65
N LEU B 89 20.52 19.12 8.35
CA LEU B 89 21.74 19.86 8.67
C LEU B 89 21.84 21.26 8.06
N SER B 90 21.56 21.38 6.77
CA SER B 90 21.63 22.68 6.12
C SER B 90 20.68 23.68 6.77
N MET B 91 19.55 23.18 7.25
CA MET B 91 18.55 24.02 7.89
C MET B 91 19.03 24.44 9.27
N VAL B 92 19.62 23.49 10.00
CA VAL B 92 20.15 23.78 11.33
C VAL B 92 21.20 24.87 11.19
N VAL B 93 22.02 24.75 10.15
CA VAL B 93 23.08 25.73 9.88
C VAL B 93 22.49 27.09 9.54
N GLN B 94 21.49 27.09 8.67
CA GLN B 94 20.85 28.32 8.24
C GLN B 94 20.19 29.04 9.41
N LEU B 95 19.35 28.32 10.16
CA LEU B 95 18.66 28.90 11.30
C LEU B 95 19.65 29.51 12.28
N MET B 96 20.69 28.76 12.65
CA MET B 96 21.69 29.24 13.57
C MET B 96 22.37 30.50 13.04
N LYS B 97 22.52 30.56 11.73
CA LYS B 97 23.15 31.71 11.07
C LYS B 97 22.26 32.93 11.20
N TYR B 98 21.07 32.74 11.75
CA TYR B 98 20.10 33.82 11.95
C TYR B 98 19.83 34.08 13.42
N GLY B 99 20.68 33.56 14.28
CA GLY B 99 20.51 33.76 15.70
C GLY B 99 19.78 32.66 16.45
N ALA B 100 19.48 31.57 15.76
CA ALA B 100 18.79 30.45 16.41
C ALA B 100 19.73 29.84 17.44
N ASP B 101 19.28 29.78 18.69
CA ASP B 101 20.08 29.24 19.77
C ASP B 101 19.81 27.75 20.02
N PRO B 102 20.76 26.88 19.63
CA PRO B 102 20.65 25.43 19.80
C PRO B 102 20.66 24.95 21.25
N SER B 103 21.04 25.83 22.18
CA SER B 103 21.07 25.45 23.58
C SER B 103 19.72 25.53 24.25
N LEU B 104 18.73 26.13 23.58
CA LEU B 104 17.39 26.24 24.15
C LEU B 104 16.82 24.86 24.47
N ILE B 105 15.77 24.84 25.29
CA ILE B 105 15.15 23.59 25.70
C ILE B 105 13.68 23.49 25.29
N ASP B 106 13.26 22.31 24.85
CA ASP B 106 11.87 22.11 24.44
C ASP B 106 11.02 21.61 25.61
N GLY B 107 9.79 21.22 25.31
CA GLY B 107 8.89 20.75 26.36
C GLY B 107 9.29 19.43 26.98
N GLU B 108 10.51 18.97 26.68
CA GLU B 108 11.00 17.71 27.23
C GLU B 108 12.34 17.88 27.92
N GLY B 109 12.78 19.13 28.05
CA GLY B 109 14.05 19.41 28.70
C GLY B 109 15.26 19.15 27.82
N CYS B 110 15.01 18.77 26.57
CA CYS B 110 16.09 18.48 25.64
C CYS B 110 16.52 19.67 24.80
N SER B 111 17.82 19.74 24.53
CA SER B 111 18.37 20.80 23.69
C SER B 111 18.63 20.17 22.33
N CYS B 112 19.16 20.96 21.40
CA CYS B 112 19.42 20.45 20.06
C CYS B 112 20.39 19.26 20.01
N ILE B 113 21.50 19.35 20.74
CA ILE B 113 22.47 18.27 20.73
C ILE B 113 21.88 16.97 21.26
N HIS B 114 20.97 17.08 22.23
CA HIS B 114 20.33 15.90 22.79
C HIS B 114 19.35 15.31 21.77
N LEU B 115 18.68 16.20 21.04
CA LEU B 115 17.73 15.78 20.01
C LEU B 115 18.49 15.10 18.87
N ALA B 116 19.57 15.74 18.43
CA ALA B 116 20.39 15.20 17.35
C ALA B 116 20.96 13.85 17.75
N ALA B 117 21.27 13.70 19.04
CA ALA B 117 21.83 12.46 19.55
C ALA B 117 20.81 11.32 19.62
N GLN B 118 19.65 11.59 20.19
CA GLN B 118 18.63 10.55 20.33
C GLN B 118 18.00 10.13 19.00
N PHE B 119 18.14 10.95 17.97
CA PHE B 119 17.58 10.61 16.66
C PHE B 119 18.65 10.16 15.67
N GLY B 120 19.85 9.93 16.20
CA GLY B 120 20.95 9.47 15.38
C GLY B 120 21.43 10.38 14.28
N HIS B 121 21.32 11.68 14.47
CA HIS B 121 21.78 12.61 13.44
C HIS B 121 23.22 13.02 13.72
N THR B 122 24.13 12.16 13.27
CA THR B 122 25.56 12.32 13.44
C THR B 122 26.15 13.61 12.88
N SER B 123 25.81 13.94 11.63
CA SER B 123 26.34 15.14 11.01
C SER B 123 25.99 16.40 11.80
N ILE B 124 24.83 16.41 12.44
CA ILE B 124 24.40 17.55 13.22
C ILE B 124 25.11 17.58 14.56
N VAL B 125 25.28 16.40 15.17
CA VAL B 125 25.97 16.31 16.45
C VAL B 125 27.37 16.91 16.30
N ALA B 126 28.03 16.55 15.21
CA ALA B 126 29.37 17.04 14.94
C ALA B 126 29.40 18.55 14.73
N TYR B 127 28.40 19.08 14.04
CA TYR B 127 28.34 20.51 13.79
C TYR B 127 28.13 21.31 15.07
N LEU B 128 27.15 20.89 15.86
CA LEU B 128 26.85 21.58 17.12
C LEU B 128 28.05 21.60 18.06
N ILE B 129 28.75 20.47 18.16
CA ILE B 129 29.90 20.38 19.03
C ILE B 129 31.02 21.29 18.54
N ALA B 130 31.17 21.40 17.23
CA ALA B 130 32.21 22.24 16.65
C ALA B 130 31.84 23.71 16.77
N LYS B 131 30.56 23.99 16.96
CA LYS B 131 30.10 25.37 17.09
C LYS B 131 30.17 25.85 18.54
N GLY B 132 30.42 24.93 19.46
CA GLY B 132 30.51 25.32 20.86
C GLY B 132 29.86 24.37 21.84
N GLN B 133 28.71 23.81 21.46
CA GLN B 133 27.98 22.89 22.32
C GLN B 133 28.91 21.97 23.11
N ASP B 134 28.60 21.78 24.39
CA ASP B 134 29.41 20.92 25.25
C ASP B 134 29.06 19.46 25.05
N VAL B 135 30.06 18.66 24.71
CA VAL B 135 29.86 17.23 24.49
C VAL B 135 29.20 16.53 25.67
N ASP B 136 29.46 17.02 26.88
CA ASP B 136 28.89 16.43 28.09
C ASP B 136 27.66 17.18 28.58
N MET B 137 27.23 18.19 27.82
CA MET B 137 26.07 18.99 28.19
C MET B 137 24.87 18.12 28.58
N MET B 138 24.32 18.38 29.77
CA MET B 138 23.17 17.61 30.24
C MET B 138 21.88 18.39 30.10
N ASP B 139 20.81 17.69 29.75
CA ASP B 139 19.51 18.33 29.59
C ASP B 139 18.82 18.40 30.95
N GLN B 140 17.60 18.94 30.97
CA GLN B 140 16.84 19.06 32.21
C GLN B 140 16.50 17.69 32.78
N ASN B 141 17.05 16.65 32.17
CA ASN B 141 16.80 15.28 32.62
C ASN B 141 18.09 14.68 33.16
N GLY B 142 19.17 15.44 33.07
CA GLY B 142 20.46 14.98 33.54
C GLY B 142 21.09 14.07 32.50
N MET B 143 20.38 13.87 31.39
CA MET B 143 20.86 13.03 30.32
C MET B 143 21.90 13.75 29.47
N THR B 144 22.94 13.02 29.07
CA THR B 144 23.99 13.59 28.25
C THR B 144 23.83 13.04 26.84
N PRO B 145 24.45 13.69 25.84
CA PRO B 145 24.32 13.20 24.47
C PRO B 145 24.66 11.72 24.33
N LEU B 146 25.65 11.28 25.10
CA LEU B 146 26.08 9.88 25.06
C LEU B 146 25.02 8.92 25.60
N MET B 147 24.36 9.32 26.69
CA MET B 147 23.32 8.49 27.28
C MET B 147 22.16 8.29 26.31
N TRP B 148 21.78 9.37 25.62
CA TRP B 148 20.70 9.30 24.66
C TRP B 148 21.02 8.35 23.51
N ALA B 149 22.11 8.64 22.81
CA ALA B 149 22.54 7.80 21.69
C ALA B 149 22.65 6.34 22.11
N ALA B 150 23.25 6.10 23.27
CA ALA B 150 23.43 4.75 23.77
C ALA B 150 22.08 4.11 23.99
N TYR B 151 21.09 4.93 24.37
CA TYR B 151 19.75 4.45 24.64
C TYR B 151 18.79 4.44 23.45
N ARG B 152 19.06 5.28 22.44
CA ARG B 152 18.17 5.38 21.29
C ARG B 152 18.74 5.08 19.90
N THR B 153 20.06 4.94 19.79
CA THR B 153 20.64 4.67 18.48
C THR B 153 21.46 3.38 18.41
N HIS B 154 20.87 2.36 17.76
CA HIS B 154 21.51 1.08 17.59
C HIS B 154 22.40 1.11 16.36
N SER B 155 23.55 1.75 16.50
CA SER B 155 24.50 1.89 15.41
C SER B 155 25.79 2.44 15.98
N VAL B 156 26.88 2.32 15.25
CA VAL B 156 28.16 2.83 15.72
C VAL B 156 28.10 4.33 16.01
N ASP B 157 27.42 5.09 15.15
CA ASP B 157 27.28 6.52 15.34
C ASP B 157 25.85 6.86 15.76
N PRO B 158 25.66 8.00 16.46
CA PRO B 158 26.63 9.01 16.90
C PRO B 158 27.59 8.61 18.02
N THR B 159 27.29 7.52 18.72
CA THR B 159 28.13 7.08 19.83
C THR B 159 29.63 7.16 19.52
N ARG B 160 30.09 6.39 18.55
CA ARG B 160 31.50 6.41 18.18
C ARG B 160 32.03 7.83 17.98
N LEU B 161 31.21 8.69 17.39
CA LEU B 161 31.61 10.07 17.17
C LEU B 161 31.83 10.76 18.52
N LEU B 162 30.84 10.67 19.39
CA LEU B 162 30.92 11.29 20.70
C LEU B 162 32.18 10.83 21.42
N LEU B 163 32.45 9.53 21.40
CA LEU B 163 33.63 8.99 22.05
C LEU B 163 34.89 9.64 21.48
N THR B 164 34.84 10.02 20.21
CA THR B 164 35.97 10.68 19.56
C THR B 164 36.17 12.06 20.16
N PHE B 165 35.06 12.72 20.50
CA PHE B 165 35.13 14.05 21.10
C PHE B 165 35.44 13.92 22.58
N ASN B 166 36.15 12.86 22.94
CA ASN B 166 36.53 12.58 24.31
C ASN B 166 35.47 12.92 25.34
N VAL B 167 34.36 12.20 25.29
CA VAL B 167 33.26 12.39 26.22
C VAL B 167 33.48 11.50 27.43
N SER B 168 32.97 11.93 28.59
CA SER B 168 33.12 11.15 29.82
C SER B 168 32.14 9.99 29.79
N VAL B 169 32.67 8.77 29.68
CA VAL B 169 31.84 7.58 29.61
C VAL B 169 31.15 7.14 30.90
N ASN B 170 31.79 7.36 32.04
CA ASN B 170 31.21 6.93 33.31
C ASN B 170 30.33 7.93 34.05
N LEU B 171 29.69 8.83 33.32
CA LEU B 171 28.81 9.82 33.94
C LEU B 171 27.40 9.25 34.01
N GLY B 172 26.66 9.63 35.04
CA GLY B 172 25.29 9.15 35.19
C GLY B 172 24.31 10.29 35.30
N ASP B 173 23.11 10.10 34.77
CA ASP B 173 22.08 11.15 34.83
C ASP B 173 21.73 11.45 36.28
N LYS B 174 20.85 12.43 36.47
CA LYS B 174 20.43 12.84 37.81
C LYS B 174 19.46 11.84 38.46
N TYR B 175 18.20 11.92 38.06
CA TYR B 175 17.14 11.07 38.59
C TYR B 175 17.52 9.60 38.80
N HIS B 176 17.56 8.84 37.70
CA HIS B 176 17.89 7.42 37.75
C HIS B 176 19.37 7.15 38.02
N LYS B 177 20.23 8.09 37.68
CA LYS B 177 21.67 7.95 37.88
C LYS B 177 22.21 6.74 37.12
N ASN B 178 21.89 6.66 35.83
CA ASN B 178 22.34 5.56 35.00
C ASN B 178 23.49 5.98 34.10
N THR B 179 24.38 5.03 33.81
CA THR B 179 25.52 5.29 32.94
C THR B 179 25.09 5.01 31.51
N ALA B 180 25.82 5.55 30.54
CA ALA B 180 25.51 5.32 29.14
C ALA B 180 25.46 3.80 28.93
N LEU B 181 26.23 3.08 29.72
CA LEU B 181 26.29 1.63 29.62
C LEU B 181 25.02 0.95 30.13
N HIS B 182 24.41 1.52 31.17
CA HIS B 182 23.18 0.96 31.72
C HIS B 182 22.05 1.14 30.71
N TRP B 183 22.00 2.33 30.12
CA TRP B 183 20.97 2.64 29.13
C TRP B 183 21.12 1.72 27.92
N ALA B 184 22.36 1.59 27.44
CA ALA B 184 22.65 0.74 26.29
C ALA B 184 22.11 -0.67 26.51
N VAL B 185 22.29 -1.17 27.73
CA VAL B 185 21.82 -2.51 28.08
C VAL B 185 20.30 -2.59 28.03
N LEU B 186 19.65 -1.65 28.72
CA LEU B 186 18.18 -1.60 28.76
C LEU B 186 17.60 -1.53 27.35
N ALA B 187 18.32 -0.87 26.45
CA ALA B 187 17.87 -0.72 25.08
C ALA B 187 18.26 -1.92 24.22
N GLY B 188 19.04 -2.83 24.79
CA GLY B 188 19.49 -4.00 24.05
C GLY B 188 20.33 -3.58 22.87
N ASN B 189 21.14 -2.55 23.07
CA ASN B 189 22.01 -2.00 22.04
C ASN B 189 23.42 -2.60 22.12
N THR B 190 23.60 -3.79 21.58
CA THR B 190 24.89 -4.48 21.61
C THR B 190 25.98 -3.76 20.81
N THR B 191 25.56 -2.98 19.82
CA THR B 191 26.53 -2.24 19.01
C THR B 191 27.21 -1.18 19.88
N VAL B 192 26.39 -0.50 20.67
CA VAL B 192 26.88 0.55 21.57
C VAL B 192 27.68 -0.04 22.72
N ILE B 193 27.20 -1.16 23.28
CA ILE B 193 27.89 -1.81 24.38
C ILE B 193 29.36 -1.98 24.03
N SER B 194 29.62 -2.61 22.89
CA SER B 194 30.98 -2.84 22.43
C SER B 194 31.81 -1.57 22.43
N LEU B 195 31.29 -0.52 21.81
CA LEU B 195 32.00 0.76 21.74
C LEU B 195 32.32 1.30 23.13
N LEU B 196 31.33 1.31 24.02
CA LEU B 196 31.52 1.80 25.38
C LEU B 196 32.56 1.00 26.15
N LEU B 197 32.50 -0.33 26.05
CA LEU B 197 33.46 -1.18 26.73
C LEU B 197 34.87 -0.83 26.29
N GLU B 198 35.10 -0.81 24.98
CA GLU B 198 36.40 -0.48 24.44
C GLU B 198 36.82 0.92 24.87
N ALA B 199 35.84 1.72 25.31
CA ALA B 199 36.10 3.08 25.75
C ALA B 199 36.44 3.13 27.24
N GLY B 200 36.35 1.99 27.90
CA GLY B 200 36.65 1.93 29.32
C GLY B 200 35.46 2.19 30.22
N ALA B 201 34.29 1.71 29.81
CA ALA B 201 33.08 1.89 30.60
C ALA B 201 33.17 1.05 31.87
N ASN B 202 32.50 1.50 32.93
CA ASN B 202 32.51 0.80 34.20
C ASN B 202 31.44 -0.29 34.22
N VAL B 203 31.86 -1.54 34.08
CA VAL B 203 30.94 -2.68 34.07
C VAL B 203 30.36 -2.98 35.45
N ASP B 204 30.98 -2.43 36.49
CA ASP B 204 30.50 -2.67 37.85
C ASP B 204 29.76 -1.48 38.46
N ALA B 205 29.90 -0.31 37.84
CA ALA B 205 29.22 0.89 38.34
C ALA B 205 27.73 0.61 38.59
N GLN B 206 27.25 1.02 39.75
CA GLN B 206 25.86 0.80 40.13
C GLN B 206 25.01 2.06 39.97
N ASN B 207 23.74 1.86 39.60
CA ASN B 207 22.80 2.96 39.41
C ASN B 207 22.18 3.37 40.75
N ILE B 208 21.39 4.43 40.72
CA ILE B 208 20.74 4.93 41.93
C ILE B 208 19.66 3.96 42.38
N LYS B 209 19.72 2.74 41.86
CA LYS B 209 18.75 1.71 42.20
C LYS B 209 19.47 0.45 42.65
N GLY B 210 20.80 0.50 42.62
CA GLY B 210 21.60 -0.63 43.03
C GLY B 210 22.15 -1.39 41.83
N GLU B 211 21.33 -1.48 40.78
CA GLU B 211 21.71 -2.16 39.55
C GLU B 211 23.13 -1.81 39.14
N SER B 212 23.94 -2.82 38.86
CA SER B 212 25.33 -2.61 38.47
C SER B 212 25.59 -2.92 37.00
N ALA B 213 24.78 -2.36 36.11
CA ALA B 213 24.93 -2.57 34.68
C ALA B 213 24.82 -4.06 34.33
N LEU B 214 25.91 -4.79 34.53
CA LEU B 214 25.93 -6.22 34.25
C LEU B 214 24.71 -6.89 34.89
N ASP B 215 24.26 -6.32 36.00
CA ASP B 215 23.10 -6.85 36.70
C ASP B 215 21.91 -6.84 35.74
N LEU B 216 21.72 -5.71 35.07
CA LEU B 216 20.63 -5.56 34.12
C LEU B 216 20.82 -6.57 32.99
N ALA B 217 22.08 -6.80 32.62
CA ALA B 217 22.40 -7.75 31.56
C ALA B 217 21.96 -9.13 32.02
N LYS B 218 22.09 -9.39 33.32
CA LYS B 218 21.70 -10.66 33.90
C LYS B 218 20.17 -10.73 33.91
N GLN B 219 19.55 -9.65 34.38
CA GLN B 219 18.09 -9.58 34.45
C GLN B 219 17.51 -9.71 33.05
N ARG B 220 18.29 -9.31 32.05
CA ARG B 220 17.86 -9.39 30.66
C ARG B 220 18.18 -10.79 30.13
N LYS B 221 19.11 -11.46 30.79
CA LYS B 221 19.52 -12.81 30.42
C LYS B 221 20.18 -12.85 29.05
N ASN B 222 20.44 -11.67 28.48
CA ASN B 222 21.07 -11.58 27.16
C ASN B 222 22.45 -12.25 27.21
N VAL B 223 22.57 -13.37 26.50
CA VAL B 223 23.82 -14.13 26.46
C VAL B 223 25.01 -13.29 26.00
N TRP B 224 24.87 -12.63 24.85
CA TRP B 224 25.94 -11.81 24.30
C TRP B 224 26.47 -10.82 25.33
N MET B 225 25.57 -10.03 25.90
CA MET B 225 25.93 -9.03 26.89
C MET B 225 26.67 -9.61 28.09
N ILE B 226 25.98 -10.44 28.86
CA ILE B 226 26.57 -11.07 30.05
C ILE B 226 27.99 -11.55 29.83
N ASN B 227 28.28 -12.05 28.63
CA ASN B 227 29.62 -12.55 28.31
C ASN B 227 30.64 -11.44 28.05
N HIS B 228 30.27 -10.49 27.19
CA HIS B 228 31.17 -9.40 26.85
C HIS B 228 31.43 -8.43 28.00
N LEU B 229 30.39 -8.15 28.79
CA LEU B 229 30.55 -7.25 29.94
C LEU B 229 31.43 -7.95 30.97
N GLN B 230 31.20 -9.25 31.13
CA GLN B 230 31.98 -10.04 32.07
C GLN B 230 33.44 -9.98 31.66
N GLU B 231 33.72 -10.43 30.44
CA GLU B 231 35.07 -10.42 29.91
C GLU B 231 35.69 -9.03 30.04
N TRP C 11 -32.20 -11.31 -35.91
CA TRP C 11 -31.08 -10.53 -36.51
C TRP C 11 -30.11 -11.47 -37.20
N ASP C 12 -29.07 -10.90 -37.80
CA ASP C 12 -28.04 -11.71 -38.44
C ASP C 12 -27.28 -12.33 -37.27
N ILE C 13 -26.40 -13.29 -37.54
CA ILE C 13 -25.67 -13.93 -36.46
C ILE C 13 -24.72 -12.98 -35.72
N VAL C 14 -24.13 -12.02 -36.43
CA VAL C 14 -23.23 -11.07 -35.80
C VAL C 14 -23.96 -10.26 -34.73
N LYS C 15 -25.09 -9.65 -35.10
CA LYS C 15 -25.88 -8.86 -34.17
C LYS C 15 -26.38 -9.71 -33.02
N ALA C 16 -26.80 -10.93 -33.32
CA ALA C 16 -27.31 -11.83 -32.29
C ALA C 16 -26.21 -12.15 -31.28
N THR C 17 -24.97 -12.19 -31.79
CA THR C 17 -23.81 -12.47 -30.94
C THR C 17 -23.54 -11.27 -30.07
N GLN C 18 -23.45 -10.11 -30.71
CA GLN C 18 -23.18 -8.85 -30.01
C GLN C 18 -24.21 -8.59 -28.91
N TYR C 19 -25.48 -8.88 -29.21
CA TYR C 19 -26.56 -8.66 -28.27
C TYR C 19 -26.78 -9.83 -27.31
N GLY C 20 -26.02 -10.90 -27.51
CA GLY C 20 -26.12 -12.06 -26.63
C GLY C 20 -27.36 -12.92 -26.72
N ILE C 21 -28.00 -12.96 -27.89
CA ILE C 21 -29.19 -13.78 -28.06
C ILE C 21 -28.76 -15.22 -28.36
N TYR C 22 -28.47 -15.95 -27.30
CA TYR C 22 -28.00 -17.33 -27.39
C TYR C 22 -28.78 -18.25 -28.31
N GLU C 23 -30.07 -18.41 -28.05
CA GLU C 23 -30.93 -19.28 -28.85
C GLU C 23 -30.82 -18.98 -30.34
N ARG C 24 -30.85 -17.70 -30.69
CA ARG C 24 -30.77 -17.27 -32.08
C ARG C 24 -29.44 -17.64 -32.75
N CYS C 25 -28.34 -17.51 -32.02
CA CYS C 25 -27.03 -17.85 -32.56
C CYS C 25 -26.95 -19.35 -32.81
N ARG C 26 -27.37 -20.12 -31.82
CA ARG C 26 -27.38 -21.57 -31.89
C ARG C 26 -28.23 -22.06 -33.06
N GLU C 27 -29.29 -21.31 -33.35
CA GLU C 27 -30.19 -21.67 -34.45
C GLU C 27 -29.50 -21.52 -35.79
N LEU C 28 -28.89 -20.35 -36.01
CA LEU C 28 -28.21 -20.07 -37.26
C LEU C 28 -27.01 -20.98 -37.47
N VAL C 29 -26.28 -21.27 -36.39
CA VAL C 29 -25.10 -22.13 -36.46
C VAL C 29 -25.49 -23.54 -36.88
N GLU C 30 -26.48 -24.11 -36.20
CA GLU C 30 -26.95 -25.45 -36.53
C GLU C 30 -27.49 -25.45 -37.95
N ALA C 31 -28.04 -24.31 -38.37
CA ALA C 31 -28.58 -24.17 -39.72
C ALA C 31 -27.46 -24.28 -40.76
N GLY C 32 -26.22 -24.21 -40.31
CA GLY C 32 -25.10 -24.33 -41.24
C GLY C 32 -24.04 -23.26 -41.22
N TYR C 33 -24.28 -22.15 -40.54
CA TYR C 33 -23.30 -21.06 -40.50
C TYR C 33 -21.96 -21.56 -39.94
N ASP C 34 -20.87 -21.14 -40.58
CA ASP C 34 -19.54 -21.53 -40.14
C ASP C 34 -19.04 -20.53 -39.10
N VAL C 35 -18.74 -21.02 -37.89
CA VAL C 35 -18.28 -20.15 -36.82
C VAL C 35 -16.95 -19.47 -37.10
N ARG C 36 -16.24 -19.93 -38.12
CA ARG C 36 -14.95 -19.35 -38.47
C ARG C 36 -15.07 -18.25 -39.51
N GLN C 37 -16.28 -18.08 -40.03
CA GLN C 37 -16.55 -17.06 -41.04
C GLN C 37 -16.46 -15.64 -40.49
N PRO C 38 -15.45 -14.88 -40.94
CA PRO C 38 -15.22 -13.49 -40.52
C PRO C 38 -16.12 -12.53 -41.29
N ASP C 39 -16.26 -11.30 -40.79
CA ASP C 39 -17.09 -10.32 -41.49
C ASP C 39 -16.22 -9.40 -42.33
N LYS C 40 -16.83 -8.34 -42.85
CA LYS C 40 -16.12 -7.39 -43.71
C LYS C 40 -14.78 -6.97 -43.13
N GLU C 41 -14.76 -6.57 -41.86
CA GLU C 41 -13.53 -6.13 -41.21
C GLU C 41 -12.69 -7.30 -40.69
N ASN C 42 -13.00 -8.50 -41.14
CA ASN C 42 -12.28 -9.71 -40.75
C ASN C 42 -12.38 -10.06 -39.26
N VAL C 43 -13.52 -9.74 -38.65
CA VAL C 43 -13.75 -10.04 -37.24
C VAL C 43 -14.55 -11.33 -37.16
N THR C 44 -14.16 -12.22 -36.26
CA THR C 44 -14.87 -13.49 -36.10
C THR C 44 -15.91 -13.38 -35.01
N LEU C 45 -16.86 -14.31 -35.01
CA LEU C 45 -17.92 -14.33 -34.01
C LEU C 45 -17.37 -14.40 -32.59
N LEU C 46 -16.22 -15.03 -32.43
CA LEU C 46 -15.62 -15.15 -31.11
C LEU C 46 -15.14 -13.79 -30.60
N HIS C 47 -14.71 -12.92 -31.51
CA HIS C 47 -14.26 -11.59 -31.12
C HIS C 47 -15.46 -10.81 -30.59
N TRP C 48 -16.57 -10.87 -31.33
CA TRP C 48 -17.79 -10.18 -30.91
C TRP C 48 -18.31 -10.72 -29.58
N ALA C 49 -18.25 -12.03 -29.41
CA ALA C 49 -18.73 -12.66 -28.18
C ALA C 49 -17.84 -12.25 -27.01
N ALA C 50 -16.52 -12.23 -27.25
CA ALA C 50 -15.56 -11.88 -26.22
C ALA C 50 -15.69 -10.43 -25.75
N ILE C 51 -15.71 -9.49 -26.69
CA ILE C 51 -15.79 -8.09 -26.31
C ILE C 51 -17.11 -7.72 -25.64
N ASN C 52 -18.13 -8.54 -25.87
CA ASN C 52 -19.45 -8.29 -25.28
C ASN C 52 -19.73 -9.17 -24.07
N ASN C 53 -18.69 -9.84 -23.59
CA ASN C 53 -18.76 -10.69 -22.41
C ASN C 53 -19.79 -11.81 -22.48
N ARG C 54 -19.94 -12.41 -23.67
CA ARG C 54 -20.90 -13.50 -23.83
C ARG C 54 -20.22 -14.83 -23.52
N ILE C 55 -20.11 -15.13 -22.23
CA ILE C 55 -19.47 -16.35 -21.74
C ILE C 55 -20.00 -17.63 -22.39
N ASP C 56 -21.32 -17.81 -22.34
CA ASP C 56 -21.94 -19.00 -22.90
C ASP C 56 -21.68 -19.13 -24.40
N LEU C 57 -21.78 -18.03 -25.13
CA LEU C 57 -21.54 -18.07 -26.56
C LEU C 57 -20.09 -18.43 -26.88
N VAL C 58 -19.15 -17.98 -26.06
CA VAL C 58 -17.75 -18.31 -26.28
C VAL C 58 -17.54 -19.82 -26.18
N LYS C 59 -18.06 -20.42 -25.13
CA LYS C 59 -17.95 -21.86 -24.95
C LYS C 59 -18.54 -22.57 -26.16
N TYR C 60 -19.74 -22.14 -26.54
CA TYR C 60 -20.45 -22.73 -27.67
C TYR C 60 -19.70 -22.63 -28.99
N TYR C 61 -19.22 -21.44 -29.34
CA TYR C 61 -18.50 -21.26 -30.59
C TYR C 61 -17.20 -22.04 -30.64
N ILE C 62 -16.51 -22.14 -29.51
CA ILE C 62 -15.27 -22.88 -29.46
C ILE C 62 -15.56 -24.37 -29.63
N SER C 63 -16.70 -24.81 -29.09
CA SER C 63 -17.09 -26.21 -29.21
C SER C 63 -17.39 -26.50 -30.68
N LYS C 64 -17.80 -25.46 -31.41
CA LYS C 64 -18.12 -25.61 -32.83
C LYS C 64 -16.91 -25.43 -33.75
N GLY C 65 -15.72 -25.33 -33.16
CA GLY C 65 -14.52 -25.18 -33.96
C GLY C 65 -13.91 -23.80 -34.08
N ALA C 66 -14.45 -22.82 -33.37
CA ALA C 66 -13.90 -21.46 -33.43
C ALA C 66 -12.43 -21.47 -33.01
N ILE C 67 -11.60 -20.72 -33.74
CA ILE C 67 -10.18 -20.63 -33.41
C ILE C 67 -10.02 -19.58 -32.30
N VAL C 68 -9.62 -20.06 -31.13
CA VAL C 68 -9.45 -19.20 -29.95
C VAL C 68 -8.62 -17.93 -30.12
N ASP C 69 -7.41 -18.05 -30.61
CA ASP C 69 -6.55 -16.88 -30.78
C ASP C 69 -6.48 -16.35 -32.22
N GLN C 70 -7.55 -16.57 -32.99
CA GLN C 70 -7.59 -16.11 -34.36
C GLN C 70 -7.45 -14.58 -34.41
N LEU C 71 -6.49 -14.09 -35.20
CA LEU C 71 -6.30 -12.65 -35.31
C LEU C 71 -7.40 -12.07 -36.19
N GLY C 72 -7.87 -10.88 -35.83
CA GLY C 72 -8.92 -10.25 -36.62
C GLY C 72 -9.02 -8.77 -36.36
N GLY C 73 -9.90 -8.10 -37.10
CA GLY C 73 -10.08 -6.68 -36.93
C GLY C 73 -9.04 -5.83 -37.63
N ASP C 74 -9.30 -4.53 -37.71
CA ASP C 74 -8.39 -3.59 -38.35
C ASP C 74 -7.02 -3.60 -37.68
N LEU C 75 -6.96 -4.08 -36.44
CA LEU C 75 -5.70 -4.13 -35.72
C LEU C 75 -5.17 -5.51 -35.41
N ASN C 76 -5.59 -6.50 -36.21
CA ASN C 76 -5.13 -7.88 -36.02
C ASN C 76 -4.97 -8.27 -34.56
N SER C 77 -6.09 -8.35 -33.86
CA SER C 77 -6.10 -8.70 -32.44
C SER C 77 -6.85 -10.00 -32.23
N THR C 78 -6.56 -10.68 -31.12
CA THR C 78 -7.23 -11.92 -30.76
C THR C 78 -8.47 -11.58 -29.95
N PRO C 79 -9.36 -12.55 -29.75
CA PRO C 79 -10.57 -12.28 -28.97
C PRO C 79 -10.20 -11.87 -27.54
N LEU C 80 -9.14 -12.46 -27.00
CA LEU C 80 -8.70 -12.14 -25.63
C LEU C 80 -8.22 -10.68 -25.58
N HIS C 81 -7.57 -10.22 -26.64
CA HIS C 81 -7.11 -8.83 -26.70
C HIS C 81 -8.34 -7.94 -26.55
N TRP C 82 -9.38 -8.25 -27.31
CA TRP C 82 -10.60 -7.46 -27.26
C TRP C 82 -11.24 -7.46 -25.87
N ALA C 83 -11.33 -8.63 -25.25
CA ALA C 83 -11.92 -8.73 -23.92
C ALA C 83 -11.11 -7.95 -22.89
N THR C 84 -9.79 -7.99 -23.01
CA THR C 84 -8.92 -7.30 -22.08
C THR C 84 -9.12 -5.79 -22.23
N ARG C 85 -9.16 -5.29 -23.46
CA ARG C 85 -9.38 -3.87 -23.69
C ARG C 85 -10.68 -3.39 -23.04
N GLN C 86 -11.73 -4.17 -23.24
CA GLN C 86 -13.05 -3.86 -22.71
C GLN C 86 -13.11 -4.01 -21.19
N GLY C 87 -12.18 -4.77 -20.64
CA GLY C 87 -12.15 -4.98 -19.20
C GLY C 87 -13.05 -6.06 -18.63
N HIS C 88 -13.29 -7.12 -19.39
CA HIS C 88 -14.14 -8.21 -18.91
C HIS C 88 -13.32 -9.28 -18.22
N LEU C 89 -13.18 -9.19 -16.90
CA LEU C 89 -12.41 -10.17 -16.13
C LEU C 89 -12.91 -11.59 -16.34
N SER C 90 -14.22 -11.78 -16.31
CA SER C 90 -14.79 -13.13 -16.50
C SER C 90 -14.46 -13.71 -17.88
N MET C 91 -14.47 -12.87 -18.89
CA MET C 91 -14.15 -13.32 -20.24
C MET C 91 -12.66 -13.65 -20.37
N VAL C 92 -11.81 -12.89 -19.68
CA VAL C 92 -10.37 -13.16 -19.71
C VAL C 92 -10.13 -14.55 -19.11
N VAL C 93 -10.81 -14.83 -18.00
CA VAL C 93 -10.68 -16.13 -17.33
C VAL C 93 -11.15 -17.26 -18.25
N GLN C 94 -12.32 -17.06 -18.85
CA GLN C 94 -12.92 -18.05 -19.74
C GLN C 94 -12.03 -18.38 -20.94
N LEU C 95 -11.56 -17.35 -21.66
CA LEU C 95 -10.73 -17.59 -22.83
C LEU C 95 -9.42 -18.25 -22.44
N MET C 96 -8.81 -17.81 -21.35
CA MET C 96 -7.56 -18.41 -20.93
C MET C 96 -7.79 -19.88 -20.57
N LYS C 97 -8.97 -20.18 -20.03
CA LYS C 97 -9.33 -21.56 -19.69
C LYS C 97 -9.30 -22.41 -20.95
N TYR C 98 -9.66 -21.82 -22.08
CA TYR C 98 -9.65 -22.53 -23.35
C TYR C 98 -8.33 -22.42 -24.09
N GLY C 99 -7.28 -22.00 -23.39
CA GLY C 99 -5.97 -21.90 -24.01
C GLY C 99 -5.58 -20.59 -24.69
N ALA C 100 -6.36 -19.54 -24.52
CA ALA C 100 -6.00 -18.26 -25.12
C ALA C 100 -4.67 -17.81 -24.51
N ASP C 101 -3.77 -17.34 -25.37
CA ASP C 101 -2.44 -16.90 -24.96
C ASP C 101 -2.36 -15.38 -24.80
N PRO C 102 -2.33 -14.88 -23.54
CA PRO C 102 -2.26 -13.44 -23.29
C PRO C 102 -0.97 -12.74 -23.73
N SER C 103 0.07 -13.50 -24.04
CA SER C 103 1.33 -12.88 -24.46
C SER C 103 1.33 -12.51 -25.94
N LEU C 104 0.36 -13.00 -26.69
CA LEU C 104 0.30 -12.68 -28.12
C LEU C 104 0.25 -11.17 -28.32
N ILE C 105 0.75 -10.73 -29.47
CA ILE C 105 0.82 -9.31 -29.77
C ILE C 105 -0.23 -8.81 -30.77
N ASP C 106 -0.85 -7.67 -30.46
CA ASP C 106 -1.85 -7.12 -31.36
C ASP C 106 -1.24 -6.14 -32.36
N GLY C 107 -2.07 -5.61 -33.23
CA GLY C 107 -1.61 -4.68 -34.26
C GLY C 107 -0.91 -3.45 -33.73
N GLU C 108 -1.16 -3.10 -32.47
CA GLU C 108 -0.51 -1.93 -31.89
C GLU C 108 0.77 -2.32 -31.16
N GLY C 109 1.13 -3.59 -31.24
CA GLY C 109 2.33 -4.10 -30.58
C GLY C 109 2.16 -4.45 -29.11
N CYS C 110 0.92 -4.48 -28.63
CA CYS C 110 0.64 -4.75 -27.24
C CYS C 110 0.14 -6.16 -26.94
N SER C 111 0.49 -6.65 -25.75
CA SER C 111 0.02 -7.95 -25.29
C SER C 111 -1.03 -7.60 -24.26
N CYS C 112 -1.78 -8.60 -23.78
CA CYS C 112 -2.84 -8.35 -22.82
C CYS C 112 -2.44 -7.58 -21.57
N ILE C 113 -1.25 -7.83 -21.04
CA ILE C 113 -0.84 -7.13 -19.83
C ILE C 113 -0.69 -5.63 -20.08
N HIS C 114 -0.22 -5.24 -21.26
CA HIS C 114 -0.07 -3.82 -21.59
C HIS C 114 -1.44 -3.17 -21.78
N LEU C 115 -2.36 -3.91 -22.40
CA LEU C 115 -3.71 -3.41 -22.63
C LEU C 115 -4.42 -3.24 -21.29
N ALA C 116 -4.24 -4.21 -20.41
CA ALA C 116 -4.85 -4.13 -19.08
C ALA C 116 -4.32 -2.90 -18.34
N ALA C 117 -3.01 -2.67 -18.41
CA ALA C 117 -2.43 -1.53 -17.73
C ALA C 117 -2.83 -0.17 -18.30
N GLN C 118 -2.81 -0.02 -19.62
CA GLN C 118 -3.14 1.28 -20.17
C GLN C 118 -4.60 1.68 -20.00
N PHE C 119 -5.49 0.70 -19.83
CA PHE C 119 -6.91 1.01 -19.65
C PHE C 119 -7.33 0.91 -18.17
N GLY C 120 -6.36 0.80 -17.28
CA GLY C 120 -6.62 0.74 -15.85
C GLY C 120 -7.43 -0.44 -15.30
N HIS C 121 -7.40 -1.58 -15.98
CA HIS C 121 -8.14 -2.74 -15.55
C HIS C 121 -7.30 -3.53 -14.53
N THR C 122 -7.22 -2.96 -13.33
CA THR C 122 -6.41 -3.52 -12.24
C THR C 122 -6.67 -4.99 -11.92
N SER C 123 -7.92 -5.42 -11.88
CA SER C 123 -8.22 -6.81 -11.55
C SER C 123 -7.69 -7.77 -12.62
N ILE C 124 -7.66 -7.32 -13.86
CA ILE C 124 -7.14 -8.16 -14.94
C ILE C 124 -5.62 -8.18 -14.86
N VAL C 125 -5.01 -7.05 -14.53
CA VAL C 125 -3.56 -7.02 -14.39
C VAL C 125 -3.16 -8.05 -13.31
N ALA C 126 -3.89 -8.07 -12.20
CA ALA C 126 -3.58 -9.00 -11.12
C ALA C 126 -3.75 -10.46 -11.55
N TYR C 127 -4.84 -10.76 -12.23
CA TYR C 127 -5.09 -12.12 -12.69
C TYR C 127 -4.00 -12.59 -13.65
N LEU C 128 -3.62 -11.73 -14.60
CA LEU C 128 -2.60 -12.10 -15.58
C LEU C 128 -1.26 -12.39 -14.93
N ILE C 129 -0.89 -11.58 -13.96
CA ILE C 129 0.39 -11.78 -13.28
C ILE C 129 0.32 -13.06 -12.44
N ALA C 130 -0.81 -13.30 -11.80
CA ALA C 130 -0.98 -14.51 -11.00
C ALA C 130 -0.88 -15.76 -11.89
N LYS C 131 -1.22 -15.62 -13.17
CA LYS C 131 -1.15 -16.76 -14.10
C LYS C 131 0.21 -16.86 -14.82
N GLY C 132 1.18 -16.06 -14.40
CA GLY C 132 2.49 -16.17 -15.02
C GLY C 132 3.01 -15.08 -15.95
N GLN C 133 2.19 -14.08 -16.28
CA GLN C 133 2.67 -13.04 -17.17
C GLN C 133 3.82 -12.26 -16.56
N ASP C 134 4.82 -11.95 -17.39
CA ASP C 134 5.99 -11.20 -16.97
C ASP C 134 5.60 -9.76 -16.68
N VAL C 135 5.76 -9.36 -15.43
CA VAL C 135 5.39 -8.01 -15.02
C VAL C 135 6.24 -6.92 -15.68
N ASP C 136 7.45 -7.25 -16.12
CA ASP C 136 8.34 -6.28 -16.78
C ASP C 136 8.28 -6.39 -18.31
N MET C 137 7.38 -7.22 -18.83
CA MET C 137 7.29 -7.43 -20.27
C MET C 137 7.22 -6.14 -21.12
N MET C 138 8.15 -5.99 -22.04
CA MET C 138 8.13 -4.84 -22.93
C MET C 138 7.29 -5.17 -24.16
N ASP C 139 6.37 -4.30 -24.53
CA ASP C 139 5.57 -4.57 -25.71
C ASP C 139 6.44 -4.20 -26.93
N GLN C 140 5.87 -4.27 -28.13
CA GLN C 140 6.66 -3.96 -29.32
C GLN C 140 6.93 -2.46 -29.49
N ASN C 141 6.33 -1.65 -28.64
CA ASN C 141 6.53 -0.21 -28.66
C ASN C 141 7.67 0.12 -27.69
N GLY C 142 8.19 -0.92 -27.04
CA GLY C 142 9.25 -0.77 -26.06
C GLY C 142 8.73 -0.40 -24.68
N MET C 143 7.41 -0.44 -24.51
CA MET C 143 6.77 -0.07 -23.25
C MET C 143 6.43 -1.22 -22.31
N THR C 144 6.66 -1.02 -21.02
CA THR C 144 6.34 -2.03 -20.01
C THR C 144 4.97 -1.66 -19.41
N PRO C 145 4.34 -2.59 -18.68
CA PRO C 145 3.04 -2.29 -18.08
C PRO C 145 3.11 -1.08 -17.16
N LEU C 146 4.21 -0.94 -16.42
CA LEU C 146 4.36 0.19 -15.50
C LEU C 146 4.40 1.52 -16.24
N MET C 147 5.07 1.54 -17.39
CA MET C 147 5.17 2.75 -18.19
C MET C 147 3.80 3.14 -18.73
N TRP C 148 3.03 2.16 -19.20
CA TRP C 148 1.70 2.44 -19.72
C TRP C 148 0.79 2.98 -18.61
N ALA C 149 0.90 2.40 -17.42
CA ALA C 149 0.08 2.84 -16.30
C ALA C 149 0.44 4.27 -15.90
N ALA C 150 1.74 4.56 -15.86
CA ALA C 150 2.19 5.90 -15.49
C ALA C 150 1.75 6.94 -16.52
N TYR C 151 1.73 6.55 -17.78
CA TYR C 151 1.36 7.48 -18.83
C TYR C 151 -0.12 7.64 -19.07
N ARG C 152 -0.89 6.58 -18.80
CA ARG C 152 -2.33 6.60 -19.06
C ARG C 152 -3.31 6.61 -17.88
N THR C 153 -2.89 6.10 -16.73
CA THR C 153 -3.82 6.02 -15.60
C THR C 153 -3.50 6.99 -14.47
N HIS C 154 -4.32 8.03 -14.35
CA HIS C 154 -4.14 9.03 -13.30
C HIS C 154 -4.91 8.57 -12.06
N SER C 155 -4.43 7.47 -11.49
CA SER C 155 -5.04 6.87 -10.32
C SER C 155 -3.99 6.05 -9.58
N VAL C 156 -4.30 5.66 -8.35
CA VAL C 156 -3.39 4.87 -7.54
C VAL C 156 -3.12 3.51 -8.18
N ASP C 157 -4.18 2.89 -8.69
CA ASP C 157 -4.06 1.60 -9.37
C ASP C 157 -4.27 1.81 -10.87
N PRO C 158 -3.70 0.93 -11.70
CA PRO C 158 -2.89 -0.25 -11.35
C PRO C 158 -1.41 -0.05 -10.97
N THR C 159 -0.93 1.18 -10.94
CA THR C 159 0.46 1.43 -10.58
C THR C 159 0.84 0.83 -9.22
N ARG C 160 0.01 1.06 -8.21
CA ARG C 160 0.31 0.53 -6.88
C ARG C 160 0.43 -0.99 -6.90
N LEU C 161 -0.51 -1.64 -7.57
CA LEU C 161 -0.51 -3.10 -7.68
C LEU C 161 0.77 -3.60 -8.35
N LEU C 162 1.12 -2.99 -9.48
CA LEU C 162 2.33 -3.37 -10.20
C LEU C 162 3.56 -3.23 -9.31
N LEU C 163 3.65 -2.13 -8.56
CA LEU C 163 4.79 -1.94 -7.68
C LEU C 163 4.83 -2.99 -6.57
N THR C 164 3.66 -3.54 -6.23
CA THR C 164 3.61 -4.56 -5.19
C THR C 164 4.17 -5.87 -5.73
N PHE C 165 4.02 -6.08 -7.03
CA PHE C 165 4.51 -7.30 -7.67
C PHE C 165 6.01 -7.19 -7.92
N ASN C 166 6.61 -6.09 -7.47
CA ASN C 166 8.04 -5.86 -7.60
C ASN C 166 8.58 -5.69 -9.03
N VAL C 167 7.96 -4.83 -9.80
CA VAL C 167 8.41 -4.56 -11.16
C VAL C 167 9.75 -3.82 -11.12
N SER C 168 10.44 -3.77 -12.26
CA SER C 168 11.70 -3.04 -12.31
C SER C 168 11.28 -1.59 -12.53
N VAL C 169 11.40 -0.78 -11.49
CA VAL C 169 10.97 0.62 -11.55
C VAL C 169 11.76 1.54 -12.48
N ASN C 170 13.04 1.25 -12.69
CA ASN C 170 13.88 2.11 -13.49
C ASN C 170 14.17 1.77 -14.96
N LEU C 171 13.45 0.81 -15.51
CA LEU C 171 13.64 0.48 -16.92
C LEU C 171 13.21 1.67 -17.78
N GLY C 172 13.93 1.90 -18.88
CA GLY C 172 13.56 2.99 -19.76
C GLY C 172 12.96 2.34 -21.00
N ASP C 173 11.96 2.96 -21.64
CA ASP C 173 11.41 2.31 -22.81
C ASP C 173 12.46 2.19 -23.90
N LYS C 174 12.35 1.13 -24.68
CA LYS C 174 13.31 0.83 -25.73
C LYS C 174 13.68 1.96 -26.68
N TYR C 175 12.71 2.75 -27.12
CA TYR C 175 13.00 3.80 -28.10
C TYR C 175 13.25 5.22 -27.61
N HIS C 176 12.64 5.61 -26.50
CA HIS C 176 12.81 6.96 -25.99
C HIS C 176 13.59 6.96 -24.67
N LYS C 177 13.78 5.78 -24.10
CA LYS C 177 14.47 5.61 -22.83
C LYS C 177 13.78 6.40 -21.72
N ASN C 178 12.46 6.54 -21.85
CA ASN C 178 11.67 7.22 -20.83
C ASN C 178 11.31 6.18 -19.77
N THR C 179 11.63 6.45 -18.52
CA THR C 179 11.28 5.52 -17.45
C THR C 179 9.83 5.82 -17.08
N ALA C 180 9.24 4.96 -16.26
CA ALA C 180 7.87 5.19 -15.83
C ALA C 180 7.75 6.62 -15.26
N LEU C 181 8.76 7.05 -14.52
CA LEU C 181 8.73 8.39 -13.93
C LEU C 181 8.72 9.47 -15.02
N HIS C 182 9.51 9.28 -16.08
CA HIS C 182 9.51 10.25 -17.19
C HIS C 182 8.09 10.35 -17.73
N TRP C 183 7.49 9.20 -18.04
CA TRP C 183 6.13 9.16 -18.58
C TRP C 183 5.11 9.82 -17.65
N ALA C 184 5.24 9.59 -16.35
CA ALA C 184 4.29 10.19 -15.40
C ALA C 184 4.41 11.73 -15.42
N VAL C 185 5.63 12.23 -15.49
CA VAL C 185 5.82 13.69 -15.55
C VAL C 185 5.21 14.22 -16.86
N LEU C 186 5.53 13.58 -17.98
CA LEU C 186 5.01 14.00 -19.28
C LEU C 186 3.48 14.01 -19.32
N ALA C 187 2.84 13.10 -18.59
CA ALA C 187 1.37 13.05 -18.56
C ALA C 187 0.79 13.89 -17.44
N GLY C 188 1.65 14.50 -16.62
CA GLY C 188 1.18 15.31 -15.51
C GLY C 188 0.44 14.43 -14.51
N ASN C 189 0.91 13.20 -14.38
CA ASN C 189 0.31 12.22 -13.49
C ASN C 189 0.93 12.28 -12.09
N THR C 190 0.53 13.28 -11.31
CA THR C 190 1.06 13.47 -9.97
C THR C 190 0.80 12.32 -8.99
N THR C 191 -0.36 11.69 -9.09
CA THR C 191 -0.69 10.58 -8.20
C THR C 191 0.34 9.47 -8.32
N VAL C 192 0.68 9.15 -9.57
CA VAL C 192 1.64 8.09 -9.83
C VAL C 192 3.07 8.51 -9.47
N ILE C 193 3.38 9.79 -9.64
CA ILE C 193 4.74 10.27 -9.31
C ILE C 193 5.15 9.93 -7.88
N SER C 194 4.27 10.18 -6.92
CA SER C 194 4.56 9.89 -5.52
C SER C 194 4.82 8.40 -5.30
N LEU C 195 3.99 7.55 -5.89
CA LEU C 195 4.14 6.11 -5.76
C LEU C 195 5.50 5.66 -6.31
N LEU C 196 5.85 6.15 -7.50
CA LEU C 196 7.12 5.79 -8.13
C LEU C 196 8.33 6.25 -7.32
N LEU C 197 8.28 7.47 -6.81
CA LEU C 197 9.39 7.99 -6.01
C LEU C 197 9.57 7.13 -4.76
N GLU C 198 8.46 6.78 -4.11
CA GLU C 198 8.54 5.96 -2.90
C GLU C 198 9.16 4.59 -3.19
N ALA C 199 8.97 4.11 -4.41
CA ALA C 199 9.48 2.80 -4.82
C ALA C 199 10.90 2.87 -5.38
N GLY C 200 11.55 4.03 -5.23
CA GLY C 200 12.92 4.17 -5.71
C GLY C 200 13.15 4.64 -7.13
N ALA C 201 12.18 5.31 -7.74
CA ALA C 201 12.38 5.79 -9.11
C ALA C 201 13.57 6.74 -9.14
N ASN C 202 14.42 6.58 -10.15
CA ASN C 202 15.62 7.38 -10.33
C ASN C 202 15.29 8.71 -11.01
N VAL C 203 15.40 9.79 -10.25
CA VAL C 203 15.07 11.12 -10.75
C VAL C 203 16.06 11.67 -11.76
N ASP C 204 17.27 11.14 -11.79
CA ASP C 204 18.28 11.64 -12.73
C ASP C 204 18.51 10.79 -13.98
N ALA C 205 17.83 9.65 -14.08
CA ALA C 205 17.99 8.79 -15.26
C ALA C 205 17.65 9.63 -16.49
N GLN C 206 18.47 9.56 -17.52
CA GLN C 206 18.23 10.36 -18.71
C GLN C 206 17.65 9.60 -19.90
N ASN C 207 16.70 10.24 -20.59
CA ASN C 207 16.11 9.60 -21.76
C ASN C 207 17.02 9.83 -22.96
N ILE C 208 16.58 9.43 -24.16
CA ILE C 208 17.43 9.58 -25.34
C ILE C 208 17.74 11.03 -25.70
N LYS C 209 16.94 11.97 -25.21
CA LYS C 209 17.16 13.38 -25.49
C LYS C 209 18.01 14.01 -24.40
N GLY C 210 18.50 13.18 -23.49
CA GLY C 210 19.33 13.66 -22.39
C GLY C 210 18.57 14.36 -21.29
N GLU C 211 17.27 14.12 -21.22
CA GLU C 211 16.45 14.76 -20.19
C GLU C 211 16.15 13.81 -19.03
N SER C 212 16.28 14.30 -17.80
CA SER C 212 15.97 13.49 -16.64
C SER C 212 14.51 13.81 -16.33
N ALA C 213 13.88 13.06 -15.44
CA ALA C 213 12.50 13.32 -15.08
C ALA C 213 12.43 14.70 -14.42
N LEU C 214 13.51 15.07 -13.74
CA LEU C 214 13.56 16.38 -13.09
C LEU C 214 13.58 17.48 -14.15
N ASP C 215 14.36 17.29 -15.22
CA ASP C 215 14.40 18.29 -16.29
C ASP C 215 12.99 18.47 -16.81
N LEU C 216 12.28 17.36 -17.02
CA LEU C 216 10.92 17.43 -17.52
C LEU C 216 9.96 18.16 -16.57
N ALA C 217 10.15 17.97 -15.27
CA ALA C 217 9.30 18.63 -14.28
C ALA C 217 9.49 20.14 -14.37
N LYS C 218 10.75 20.56 -14.47
CA LYS C 218 11.07 21.98 -14.59
C LYS C 218 10.46 22.53 -15.87
N GLN C 219 10.61 21.80 -16.97
CA GLN C 219 10.04 22.23 -18.25
C GLN C 219 8.55 22.48 -18.07
N ARG C 220 7.90 21.57 -17.34
CA ARG C 220 6.46 21.66 -17.11
C ARG C 220 6.13 22.79 -16.11
N LYS C 221 7.15 23.29 -15.42
CA LYS C 221 6.99 24.35 -14.44
C LYS C 221 6.06 23.97 -13.28
N ASN C 222 6.11 22.71 -12.86
CA ASN C 222 5.28 22.25 -11.75
C ASN C 222 6.15 22.21 -10.50
N VAL C 223 5.97 23.19 -9.61
CA VAL C 223 6.74 23.28 -8.38
C VAL C 223 6.59 22.09 -7.46
N TRP C 224 5.37 21.55 -7.37
CA TRP C 224 5.11 20.38 -6.53
C TRP C 224 5.98 19.23 -7.04
N MET C 225 6.04 19.07 -8.37
CA MET C 225 6.84 18.02 -8.97
C MET C 225 8.33 18.25 -8.76
N ILE C 226 8.77 19.46 -9.04
CA ILE C 226 10.16 19.82 -8.88
C ILE C 226 10.64 19.53 -7.45
N ASN C 227 9.87 19.98 -6.46
CA ASN C 227 10.25 19.77 -5.06
C ASN C 227 10.31 18.28 -4.69
N HIS C 228 9.28 17.52 -5.09
CA HIS C 228 9.26 16.09 -4.78
C HIS C 228 10.39 15.33 -5.44
N LEU C 229 10.64 15.59 -6.71
CA LEU C 229 11.74 14.91 -7.39
C LEU C 229 13.09 15.28 -6.76
N GLN C 230 13.29 16.55 -6.44
CA GLN C 230 14.53 17.00 -5.82
C GLN C 230 14.71 16.31 -4.47
N GLU C 231 13.63 16.26 -3.68
CA GLU C 231 13.66 15.63 -2.37
C GLU C 231 13.99 14.15 -2.48
N ALA C 232 13.47 13.49 -3.50
CA ALA C 232 13.72 12.06 -3.69
C ALA C 232 15.19 11.85 -3.95
N ARG C 233 15.78 12.73 -4.73
CA ARG C 233 17.20 12.67 -5.05
C ARG C 233 18.01 12.72 -3.76
N GLN C 234 17.65 13.66 -2.90
CA GLN C 234 18.33 13.86 -1.63
C GLN C 234 18.17 12.65 -0.71
N ALA C 235 17.08 11.92 -0.89
CA ALA C 235 16.82 10.74 -0.08
C ALA C 235 17.58 9.54 -0.65
N LYS C 236 17.79 9.55 -1.96
CA LYS C 236 18.49 8.48 -2.65
C LYS C 236 19.97 8.47 -2.29
N HIS D . -22.18 -21.59 10.72
CA HIS D . -23.56 -21.65 11.17
C HIS D . -23.79 -20.66 12.30
O HIS D . -23.91 -21.04 13.47
CB HIS D . -23.90 -23.08 11.62
CG HIS D . -25.36 -23.30 11.87
ND1 HIS D . -26.04 -22.67 12.90
CD2 HIS D . -26.27 -24.05 11.21
CE1 HIS D . -27.30 -23.03 12.86
NE2 HIS D . -27.47 -23.86 11.85
S SO4 E . 3.21 13.86 -0.04
O1 SO4 E . 4.36 14.73 -0.37
O2 SO4 E . 3.46 13.20 1.25
O3 SO4 E . 1.97 14.66 0.05
O4 SO4 E . 3.05 12.85 -1.10
S SO4 F . -20.60 -6.39 -17.30
O1 SO4 F . -19.76 -6.31 -16.09
O2 SO4 F . -21.95 -6.83 -16.95
O3 SO4 F . -20.66 -5.04 -17.92
O4 SO4 F . -20.00 -7.33 -18.26
S SO4 G . -13.93 -5.37 -7.63
O1 SO4 G . -13.13 -4.63 -6.64
O2 SO4 G . -13.88 -6.82 -7.33
O3 SO4 G . -15.33 -4.91 -7.57
O4 SO4 G . -13.39 -5.13 -8.98
S SO4 H . 22.10 -3.83 17.77
O1 SO4 H . 22.70 -2.49 17.84
O2 SO4 H . 22.29 -4.52 19.04
O3 SO4 H . 20.65 -3.71 17.50
O4 SO4 H . 22.73 -4.59 16.68
S SO4 I . -6.60 33.65 -2.15
O1 SO4 I . -5.39 33.26 -1.41
O2 SO4 I . -7.78 33.39 -1.32
O3 SO4 I . -6.53 35.08 -2.48
O4 SO4 I . -6.69 32.86 -3.40
C1 GOL J . -10.37 -2.68 -31.00
O1 GOL J . -9.60 -1.27 -30.91
C2 GOL J . -11.55 -3.02 -30.32
O2 GOL J . -11.26 -3.69 -29.20
C3 GOL J . -12.48 -2.93 -31.09
O3 GOL J . -13.94 -2.94 -31.64
C1 GOL K . 14.33 -1.42 -8.91
O1 GOL K . 12.72 -1.50 -9.07
C2 GOL K . 15.23 -0.88 -9.85
O2 GOL K . 16.00 0.05 -9.28
C3 GOL K . 14.86 -1.18 -10.95
O3 GOL K . 14.44 -1.04 -12.44
S SO4 L . -10.95 -2.76 -11.40
O1 SO4 L . -10.11 -3.86 -11.90
O2 SO4 L . -10.62 -2.50 -9.98
O3 SO4 L . -10.69 -1.54 -12.20
O4 SO4 L . -12.37 -3.14 -11.51
S SO4 M . 0.93 20.15 -14.39
O1 SO4 M . 1.42 18.90 -13.79
O2 SO4 M . 0.15 20.91 -13.39
O3 SO4 M . 2.06 20.97 -14.84
O4 SO4 M . 0.05 19.82 -15.54
#